data_3WDK
#
_entry.id   3WDK
#
_cell.length_a   123.609
_cell.length_b   123.609
_cell.length_c   187.961
_cell.angle_alpha   90.00
_cell.angle_beta   90.00
_cell.angle_gamma   90.00
#
_symmetry.space_group_name_H-M   'P 41 21 2'
#
loop_
_entity.id
_entity.type
_entity.pdbx_description
1 polymer '4-phosphopantoate--beta-alanine ligase'
2 non-polymer "5'-O-[(S)-hydroxy{[(2R)-2-hydroxy-3,3-dimethyl-4-(phosphonooxy)butanoyl]oxy}phosphoryl]adenosine"
3 non-polymer 'CITRATE ANION'
4 water water
#
_entity_poly.entity_id   1
_entity_poly.type   'polypeptide(L)'
_entity_poly.pdbx_seq_one_letter_code
;MVNIPKSHPRYWSLYYREKIIEGMEKGMTAKAGLIAHGRGEAFDYLIGERTIEPAERAMRAAVAKFLLAEHPVISVNGNV
AALVPKETIELAKALNAKLEINLFYRTEERVRTIAEELRKYDPEIEILGINPTKRIPGLEHERGKVDENGIWKADVVLVP
LEDGDRTEALVRMGKFVVTVDLNPLSRSARMADITIVDNIVRAYPRMVELAREMKDYSREELLKIVGEYDNGKTLSDVLL
HIRDRLTRLAEEGIWRRKELE
;
_entity_poly.pdbx_strand_id   A,B,C,D
#
# COMPACT_ATOMS: atom_id res chain seq x y z
N PRO A 9 15.52 -14.02 11.71
CA PRO A 9 16.16 -13.11 12.71
C PRO A 9 15.26 -11.91 12.98
N ARG A 10 15.24 -10.98 12.03
CA ARG A 10 14.40 -9.79 12.18
C ARG A 10 12.98 -10.16 11.77
N TYR A 11 12.83 -11.35 11.19
CA TYR A 11 11.53 -11.84 10.74
C TYR A 11 10.48 -11.65 11.82
N TRP A 12 10.75 -12.20 13.00
CA TRP A 12 9.83 -12.13 14.11
C TRP A 12 9.60 -10.72 14.64
N SER A 13 10.64 -9.91 14.67
CA SER A 13 10.48 -8.54 15.17
C SER A 13 9.47 -7.83 14.27
N LEU A 14 9.54 -8.13 12.98
CA LEU A 14 8.63 -7.54 11.99
C LEU A 14 7.24 -8.15 12.19
N TYR A 15 7.22 -9.47 12.43
CA TYR A 15 5.99 -10.20 12.64
C TYR A 15 5.20 -9.60 13.81
N TYR A 16 5.84 -9.52 14.97
CA TYR A 16 5.17 -8.97 16.14
C TYR A 16 4.88 -7.48 16.01
N ARG A 17 5.69 -6.79 15.21
CA ARG A 17 5.47 -5.37 15.00
C ARG A 17 4.14 -5.19 14.24
N GLU A 18 3.87 -6.12 13.33
CA GLU A 18 2.62 -6.08 12.57
C GLU A 18 1.48 -6.49 13.50
N LYS A 19 1.73 -7.48 14.37
CA LYS A 19 0.69 -7.91 15.30
C LYS A 19 0.24 -6.75 16.17
N ILE A 20 1.21 -5.96 16.63
CA ILE A 20 0.93 -4.81 17.47
C ILE A 20 0.07 -3.80 16.70
N ILE A 21 0.40 -3.60 15.44
CA ILE A 21 -0.35 -2.67 14.59
C ILE A 21 -1.77 -3.20 14.39
N GLU A 22 -1.90 -4.51 14.18
CA GLU A 22 -3.20 -5.15 14.01
C GLU A 22 -4.05 -4.95 15.24
N GLY A 23 -3.43 -5.07 16.41
CA GLY A 23 -4.14 -4.88 17.66
C GLY A 23 -4.72 -3.49 17.82
N MET A 24 -4.03 -2.49 17.29
CA MET A 24 -4.54 -1.14 17.39
C MET A 24 -5.70 -0.94 16.42
N GLU A 25 -5.60 -1.56 15.24
CA GLU A 25 -6.65 -1.43 14.23
C GLU A 25 -7.91 -2.17 14.67
N LYS A 26 -7.72 -3.22 15.48
CA LYS A 26 -8.86 -3.98 15.97
C LYS A 26 -9.50 -3.34 17.19
N GLY A 27 -8.84 -2.31 17.74
CA GLY A 27 -9.38 -1.64 18.91
C GLY A 27 -8.92 -2.17 20.26
N MET A 28 -7.95 -3.09 20.25
CA MET A 28 -7.42 -3.65 21.49
C MET A 28 -6.24 -2.86 22.05
N THR A 29 -5.26 -2.60 21.19
CA THR A 29 -4.03 -1.91 21.57
C THR A 29 -4.05 -0.39 21.46
N ALA A 30 -3.63 0.28 22.53
CA ALA A 30 -3.57 1.73 22.55
C ALA A 30 -2.38 2.24 21.74
N LYS A 31 -2.41 3.51 21.35
CA LYS A 31 -1.31 4.09 20.60
C LYS A 31 -0.06 4.09 21.47
N ALA A 32 -0.27 4.32 22.77
CA ALA A 32 0.80 4.31 23.74
C ALA A 32 1.43 2.93 23.70
N GLY A 33 0.64 1.94 23.32
CA GLY A 33 1.12 0.58 23.24
C GLY A 33 2.12 0.39 22.11
N LEU A 34 1.96 1.13 21.02
CA LEU A 34 2.88 1.03 19.91
C LEU A 34 4.20 1.65 20.34
N ILE A 35 4.12 2.72 21.13
CA ILE A 35 5.31 3.38 21.63
C ILE A 35 6.03 2.42 22.57
N ALA A 36 5.26 1.81 23.47
CA ALA A 36 5.80 0.85 24.42
C ALA A 36 6.49 -0.31 23.72
N HIS A 37 5.86 -0.85 22.68
CA HIS A 37 6.43 -1.96 21.94
C HIS A 37 7.80 -1.59 21.39
N GLY A 38 7.91 -0.36 20.88
CA GLY A 38 9.16 0.13 20.33
C GLY A 38 10.25 0.20 21.38
N ARG A 39 9.91 0.71 22.56
CA ARG A 39 10.88 0.81 23.65
C ARG A 39 11.36 -0.59 24.00
N GLY A 40 10.44 -1.55 24.06
CA GLY A 40 10.81 -2.91 24.38
C GLY A 40 11.79 -3.47 23.36
N GLU A 41 11.57 -3.13 22.10
CA GLU A 41 12.44 -3.58 21.02
C GLU A 41 13.88 -3.10 21.23
N ALA A 42 14.02 -1.86 21.69
CA ALA A 42 15.34 -1.30 21.94
C ALA A 42 16.05 -2.15 22.97
N PHE A 43 15.36 -2.43 24.07
CA PHE A 43 15.95 -3.24 25.12
C PHE A 43 16.15 -4.68 24.68
N ASP A 44 15.32 -5.16 23.75
CA ASP A 44 15.47 -6.54 23.28
C ASP A 44 16.78 -6.61 22.48
N TYR A 45 17.15 -5.49 21.87
CA TYR A 45 18.40 -5.42 21.13
C TYR A 45 19.56 -5.61 22.12
N LEU A 46 19.44 -4.98 23.28
CA LEU A 46 20.49 -5.06 24.32
C LEU A 46 20.73 -6.47 24.81
N ILE A 47 19.66 -7.24 25.02
CA ILE A 47 19.84 -8.61 25.50
C ILE A 47 19.89 -9.63 24.36
N GLY A 48 20.05 -9.15 23.14
CA GLY A 48 20.15 -10.06 22.00
C GLY A 48 18.91 -10.83 21.56
N GLU A 49 17.73 -10.31 21.90
CA GLU A 49 16.47 -10.94 21.50
C GLU A 49 16.36 -12.43 21.80
N ARG A 50 16.58 -12.79 23.05
CA ARG A 50 16.48 -14.18 23.49
C ARG A 50 16.32 -14.19 25.00
N THR A 51 16.05 -15.38 25.54
CA THR A 51 15.89 -15.56 26.96
C THR A 51 17.29 -15.72 27.53
N ILE A 52 17.70 -14.84 28.44
CA ILE A 52 19.02 -14.98 29.03
C ILE A 52 18.88 -15.72 30.35
N GLU A 53 19.96 -16.35 30.79
CA GLU A 53 19.95 -17.11 32.03
C GLU A 53 19.25 -16.39 33.19
N PRO A 54 19.56 -15.10 33.41
CA PRO A 54 18.90 -14.39 34.51
C PRO A 54 17.37 -14.35 34.36
N ALA A 55 16.88 -14.37 33.12
CA ALA A 55 15.44 -14.35 32.88
C ALA A 55 14.84 -15.72 33.18
N GLU A 56 15.52 -16.78 32.75
CA GLU A 56 15.05 -18.14 33.02
C GLU A 56 15.00 -18.32 34.54
N ARG A 57 15.98 -17.75 35.24
CA ARG A 57 16.06 -17.83 36.70
C ARG A 57 14.81 -17.19 37.30
N ALA A 58 14.50 -15.98 36.84
CA ALA A 58 13.35 -15.23 37.32
C ALA A 58 12.05 -15.97 36.99
N MET A 59 12.00 -16.62 35.83
CA MET A 59 10.79 -17.34 35.45
C MET A 59 10.60 -18.58 36.31
N ARG A 60 11.70 -19.22 36.71
CA ARG A 60 11.59 -20.40 37.55
C ARG A 60 10.92 -19.96 38.87
N ALA A 61 11.42 -18.88 39.44
CA ALA A 61 10.89 -18.36 40.70
C ALA A 61 9.42 -17.95 40.55
N ALA A 62 9.10 -17.28 39.45
CA ALA A 62 7.73 -16.83 39.19
C ALA A 62 6.75 -17.99 39.17
N VAL A 63 7.05 -19.00 38.35
CA VAL A 63 6.20 -20.18 38.24
C VAL A 63 6.03 -20.84 39.61
N ALA A 64 7.15 -21.01 40.31
CA ALA A 64 7.12 -21.63 41.62
C ALA A 64 6.19 -20.85 42.55
N LYS A 65 6.31 -19.52 42.50
CA LYS A 65 5.51 -18.64 43.34
C LYS A 65 4.02 -18.82 43.05
N PHE A 66 3.67 -18.89 41.76
CA PHE A 66 2.30 -19.07 41.38
C PHE A 66 1.74 -20.42 41.83
N LEU A 67 2.54 -21.47 41.67
CA LEU A 67 2.09 -22.80 42.06
C LEU A 67 1.88 -22.88 43.57
N LEU A 68 2.48 -21.96 44.31
CA LEU A 68 2.34 -21.93 45.76
C LEU A 68 1.23 -20.97 46.20
N ALA A 69 0.78 -20.13 45.27
CA ALA A 69 -0.24 -19.13 45.55
C ALA A 69 -1.62 -19.69 45.87
N GLU A 70 -2.39 -18.93 46.64
CA GLU A 70 -3.74 -19.33 47.02
C GLU A 70 -4.76 -18.71 46.06
N HIS A 71 -4.52 -17.46 45.64
CA HIS A 71 -5.42 -16.78 44.71
C HIS A 71 -4.62 -16.05 43.63
N PRO A 72 -3.99 -16.81 42.72
CA PRO A 72 -3.17 -16.26 41.63
C PRO A 72 -3.99 -15.63 40.51
N VAL A 73 -3.48 -14.51 39.99
CA VAL A 73 -4.16 -13.81 38.90
C VAL A 73 -3.15 -13.32 37.85
N ILE A 74 -3.50 -13.52 36.57
CA ILE A 74 -2.68 -13.09 35.45
C ILE A 74 -3.45 -11.93 34.82
N SER A 75 -2.78 -10.79 34.66
CA SER A 75 -3.42 -9.62 34.08
C SER A 75 -3.20 -9.52 32.57
N VAL A 76 -4.13 -8.88 31.88
CA VAL A 76 -4.03 -8.73 30.43
C VAL A 76 -4.27 -7.30 29.97
N ASN A 77 -3.36 -6.77 29.16
CA ASN A 77 -3.53 -5.42 28.63
C ASN A 77 -3.56 -5.45 27.10
N GLY A 78 -3.70 -4.28 26.49
CA GLY A 78 -3.73 -4.21 25.04
C GLY A 78 -2.56 -4.86 24.32
N ASN A 79 -1.35 -4.74 24.88
CA ASN A 79 -0.17 -5.31 24.25
C ASN A 79 -0.16 -6.83 24.36
N VAL A 80 -0.58 -7.33 25.52
CA VAL A 80 -0.65 -8.77 25.72
C VAL A 80 -1.68 -9.37 24.75
N ALA A 81 -2.84 -8.73 24.66
CA ALA A 81 -3.91 -9.21 23.79
C ALA A 81 -3.45 -9.33 22.33
N ALA A 82 -2.61 -8.40 21.88
CA ALA A 82 -2.12 -8.41 20.51
C ALA A 82 -0.97 -9.39 20.27
N LEU A 83 -0.17 -9.64 21.30
CA LEU A 83 0.99 -10.50 21.16
C LEU A 83 0.85 -11.96 21.57
N VAL A 84 0.29 -12.19 22.74
CA VAL A 84 0.17 -13.55 23.24
C VAL A 84 -1.22 -13.91 23.77
N PRO A 85 -2.26 -13.79 22.93
CA PRO A 85 -3.61 -14.12 23.40
C PRO A 85 -3.77 -15.59 23.82
N LYS A 86 -3.31 -16.51 22.98
CA LYS A 86 -3.40 -17.92 23.30
C LYS A 86 -2.48 -18.30 24.46
N GLU A 87 -1.23 -17.86 24.40
CA GLU A 87 -0.28 -18.19 25.46
C GLU A 87 -0.70 -17.67 26.84
N THR A 88 -1.30 -16.49 26.91
CA THR A 88 -1.71 -15.95 28.20
C THR A 88 -2.80 -16.85 28.80
N ILE A 89 -3.60 -17.45 27.91
CA ILE A 89 -4.68 -18.35 28.32
C ILE A 89 -4.08 -19.68 28.82
N GLU A 90 -3.11 -20.20 28.07
CA GLU A 90 -2.46 -21.46 28.44
C GLU A 90 -1.71 -21.31 29.75
N LEU A 91 -1.11 -20.14 29.97
CA LEU A 91 -0.37 -19.88 31.19
C LEU A 91 -1.31 -19.83 32.38
N ALA A 92 -2.46 -19.20 32.20
CA ALA A 92 -3.44 -19.10 33.26
C ALA A 92 -3.85 -20.49 33.74
N LYS A 93 -4.17 -21.36 32.79
CA LYS A 93 -4.56 -22.73 33.12
C LYS A 93 -3.42 -23.51 33.77
N ALA A 94 -2.23 -23.41 33.18
CA ALA A 94 -1.06 -24.12 33.70
C ALA A 94 -0.75 -23.71 35.13
N LEU A 95 -1.05 -22.47 35.47
CA LEU A 95 -0.81 -21.95 36.82
C LEU A 95 -2.06 -21.92 37.67
N ASN A 96 -3.16 -22.40 37.12
CA ASN A 96 -4.45 -22.42 37.82
C ASN A 96 -4.75 -21.03 38.36
N ALA A 97 -4.59 -20.04 37.49
CA ALA A 97 -4.83 -18.64 37.84
C ALA A 97 -5.98 -18.08 37.03
N LYS A 98 -6.56 -16.99 37.52
CA LYS A 98 -7.66 -16.35 36.81
C LYS A 98 -7.10 -15.26 35.90
N LEU A 99 -7.82 -15.00 34.81
CA LEU A 99 -7.42 -13.97 33.84
C LEU A 99 -8.27 -12.71 34.04
N GLU A 100 -7.61 -11.57 34.21
CA GLU A 100 -8.32 -10.33 34.38
C GLU A 100 -7.80 -9.27 33.42
N ILE A 101 -8.70 -8.62 32.68
CA ILE A 101 -8.29 -7.57 31.77
C ILE A 101 -8.14 -6.33 32.64
N ASN A 102 -6.99 -5.68 32.55
CA ASN A 102 -6.75 -4.47 33.33
C ASN A 102 -5.90 -3.53 32.49
N LEU A 103 -6.55 -2.47 32.00
CA LEU A 103 -5.89 -1.48 31.15
C LEU A 103 -5.49 -0.22 31.90
N PHE A 104 -4.35 0.35 31.51
CA PHE A 104 -3.85 1.58 32.11
C PHE A 104 -4.58 2.75 31.46
N TYR A 105 -4.83 2.63 30.16
CA TYR A 105 -5.56 3.63 29.39
C TYR A 105 -6.87 2.96 29.04
N ARG A 106 -7.64 2.62 30.06
CA ARG A 106 -8.90 1.91 29.92
C ARG A 106 -10.11 2.66 29.37
N THR A 107 -10.88 1.92 28.57
CA THR A 107 -12.13 2.36 27.97
C THR A 107 -12.88 1.03 27.93
N GLU A 108 -14.19 1.05 28.09
CA GLU A 108 -14.95 -0.20 28.07
C GLU A 108 -14.89 -0.92 26.74
N GLU A 109 -14.80 -0.19 25.64
CA GLU A 109 -14.74 -0.82 24.33
C GLU A 109 -13.46 -1.61 24.13
N ARG A 110 -12.34 -1.09 24.63
CA ARG A 110 -11.07 -1.79 24.51
C ARG A 110 -11.18 -3.10 25.30
N VAL A 111 -11.77 -3.02 26.49
CA VAL A 111 -11.96 -4.19 27.34
C VAL A 111 -12.82 -5.25 26.66
N ARG A 112 -13.92 -4.80 26.05
CA ARG A 112 -14.84 -5.72 25.38
C ARG A 112 -14.14 -6.38 24.19
N THR A 113 -13.38 -5.59 23.44
CA THR A 113 -12.67 -6.11 22.28
C THR A 113 -11.65 -7.16 22.69
N ILE A 114 -10.90 -6.85 23.74
CA ILE A 114 -9.90 -7.77 24.25
C ILE A 114 -10.57 -9.09 24.67
N ALA A 115 -11.61 -8.99 25.49
CA ALA A 115 -12.33 -10.17 25.95
C ALA A 115 -12.79 -11.00 24.76
N GLU A 116 -13.31 -10.35 23.74
CA GLU A 116 -13.76 -11.05 22.55
C GLU A 116 -12.57 -11.75 21.89
N GLU A 117 -11.44 -11.06 21.84
CA GLU A 117 -10.22 -11.61 21.25
C GLU A 117 -9.81 -12.90 21.95
N LEU A 118 -9.84 -12.88 23.28
CA LEU A 118 -9.48 -14.05 24.07
C LEU A 118 -10.49 -15.18 23.86
N ARG A 119 -11.78 -14.82 23.83
CA ARG A 119 -12.85 -15.79 23.64
C ARG A 119 -12.65 -16.59 22.36
N LYS A 120 -12.09 -15.94 21.34
CA LYS A 120 -11.84 -16.61 20.06
C LYS A 120 -10.96 -17.83 20.23
N TYR A 121 -10.15 -17.85 21.29
CA TYR A 121 -9.25 -18.97 21.55
C TYR A 121 -9.82 -19.95 22.57
N ASP A 122 -10.66 -19.42 23.46
CA ASP A 122 -11.30 -20.23 24.48
C ASP A 122 -12.64 -19.59 24.79
N PRO A 123 -13.71 -20.02 24.08
CA PRO A 123 -15.04 -19.46 24.29
C PRO A 123 -15.58 -19.64 25.71
N GLU A 124 -15.09 -20.66 26.40
CA GLU A 124 -15.56 -20.91 27.75
C GLU A 124 -14.71 -20.29 28.86
N ILE A 125 -13.55 -19.74 28.50
CA ILE A 125 -12.65 -19.13 29.48
C ILE A 125 -13.31 -18.01 30.28
N GLU A 126 -13.06 -17.99 31.58
CA GLU A 126 -13.63 -16.98 32.47
C GLU A 126 -12.78 -15.71 32.40
N ILE A 127 -13.41 -14.57 32.12
CA ILE A 127 -12.68 -13.31 32.01
C ILE A 127 -13.15 -12.27 33.01
N LEU A 128 -12.26 -11.87 33.91
CA LEU A 128 -12.56 -10.87 34.92
C LEU A 128 -12.13 -9.48 34.45
N GLY A 129 -12.60 -8.45 35.13
CA GLY A 129 -12.23 -7.10 34.75
C GLY A 129 -13.20 -6.35 33.84
N ILE A 130 -14.20 -7.05 33.32
CA ILE A 130 -15.17 -6.40 32.45
C ILE A 130 -15.94 -5.34 33.25
N ASN A 131 -16.16 -5.62 34.52
CA ASN A 131 -16.87 -4.71 35.42
C ASN A 131 -16.22 -4.66 36.79
N PRO A 132 -15.11 -3.92 36.92
CA PRO A 132 -14.38 -3.80 38.19
C PRO A 132 -15.12 -2.88 39.16
N THR A 133 -15.37 -3.37 40.37
CA THR A 133 -16.07 -2.57 41.37
C THR A 133 -15.14 -1.96 42.41
N LYS A 134 -14.10 -2.71 42.79
CA LYS A 134 -13.14 -2.22 43.76
C LYS A 134 -12.03 -1.41 43.10
N ARG A 135 -11.31 -0.63 43.89
CA ARG A 135 -10.24 0.20 43.37
C ARG A 135 -8.96 0.10 44.20
N ILE A 136 -7.83 -0.01 43.50
CA ILE A 136 -6.54 -0.10 44.17
C ILE A 136 -6.24 1.23 44.86
N PRO A 137 -5.99 1.19 46.17
CA PRO A 137 -5.69 2.39 46.96
C PRO A 137 -4.41 3.07 46.51
N GLY A 138 -4.47 3.78 45.38
CA GLY A 138 -3.30 4.47 44.88
C GLY A 138 -3.66 5.78 44.20
N GLU A 142 -9.33 8.52 38.89
CA GLU A 142 -10.39 8.00 38.03
C GLU A 142 -10.17 6.51 37.75
N ARG A 143 -9.07 6.21 37.06
CA ARG A 143 -8.73 4.82 36.72
C ARG A 143 -8.10 4.12 37.92
N GLY A 144 -7.95 2.81 37.83
CA GLY A 144 -7.35 2.05 38.91
C GLY A 144 -8.35 1.09 39.54
N LYS A 145 -9.32 0.65 38.75
CA LYS A 145 -10.33 -0.28 39.22
C LYS A 145 -9.93 -1.71 38.91
N VAL A 146 -10.25 -2.63 39.81
CA VAL A 146 -9.94 -4.05 39.63
C VAL A 146 -11.13 -4.92 40.03
N ASP A 147 -11.22 -6.10 39.43
CA ASP A 147 -12.30 -7.04 39.72
C ASP A 147 -12.16 -7.49 41.18
N GLU A 148 -13.26 -7.51 41.93
CA GLU A 148 -13.19 -7.91 43.32
C GLU A 148 -12.93 -9.40 43.48
N ASN A 149 -13.14 -10.17 42.42
CA ASN A 149 -12.91 -11.61 42.46
C ASN A 149 -11.57 -11.95 41.81
N GLY A 150 -10.89 -10.92 41.32
CA GLY A 150 -9.60 -11.13 40.68
C GLY A 150 -8.43 -10.55 41.44
N ILE A 151 -7.83 -9.51 40.88
CA ILE A 151 -6.68 -8.84 41.48
C ILE A 151 -6.95 -8.33 42.88
N TRP A 152 -8.21 -7.99 43.16
CA TRP A 152 -8.59 -7.47 44.46
C TRP A 152 -8.30 -8.46 45.58
N LYS A 153 -8.62 -9.72 45.37
CA LYS A 153 -8.41 -10.76 46.38
C LYS A 153 -7.09 -11.52 46.20
N ALA A 154 -6.50 -11.39 45.02
CA ALA A 154 -5.25 -12.09 44.68
C ALA A 154 -4.08 -11.87 45.64
N ASP A 155 -3.30 -12.93 45.86
CA ASP A 155 -2.12 -12.85 46.71
C ASP A 155 -0.88 -12.71 45.81
N VAL A 156 -0.97 -13.29 44.61
CA VAL A 156 0.11 -13.23 43.63
C VAL A 156 -0.45 -12.75 42.29
N VAL A 157 0.11 -11.66 41.76
CA VAL A 157 -0.37 -11.14 40.49
C VAL A 157 0.72 -10.99 39.45
N LEU A 158 0.37 -11.29 38.20
CA LEU A 158 1.30 -11.16 37.09
C LEU A 158 0.78 -9.99 36.28
N VAL A 159 1.55 -8.90 36.27
CA VAL A 159 1.18 -7.69 35.55
C VAL A 159 2.30 -7.32 34.55
N PRO A 160 2.25 -7.88 33.34
CA PRO A 160 3.25 -7.62 32.30
C PRO A 160 3.15 -6.29 31.58
N LEU A 161 4.29 -5.82 31.08
CA LEU A 161 4.36 -4.58 30.32
C LEU A 161 3.49 -3.54 31.01
N GLU A 162 3.74 -3.37 32.31
CA GLU A 162 2.98 -2.45 33.13
C GLU A 162 3.66 -1.13 33.40
N ASP A 163 2.86 -0.09 33.60
CA ASP A 163 3.37 1.23 33.92
C ASP A 163 3.94 1.15 35.32
N GLY A 164 5.11 1.75 35.53
CA GLY A 164 5.75 1.72 36.82
C GLY A 164 4.88 2.05 38.02
N ASP A 165 4.17 3.17 37.95
CA ASP A 165 3.32 3.60 39.05
C ASP A 165 2.28 2.56 39.41
N ARG A 166 1.67 1.95 38.39
CA ARG A 166 0.67 0.92 38.60
C ARG A 166 1.29 -0.23 39.36
N THR A 167 2.45 -0.67 38.90
CA THR A 167 3.17 -1.77 39.53
C THR A 167 3.46 -1.46 40.99
N GLU A 168 3.84 -0.22 41.26
CA GLU A 168 4.14 0.20 42.63
C GLU A 168 2.89 0.20 43.51
N ALA A 169 1.78 0.64 42.93
CA ALA A 169 0.52 0.69 43.68
C ALA A 169 0.18 -0.71 44.21
N LEU A 170 0.05 -1.67 43.31
CA LEU A 170 -0.29 -3.05 43.67
C LEU A 170 0.59 -3.61 44.79
N VAL A 171 1.87 -3.24 44.77
CA VAL A 171 2.81 -3.71 45.78
C VAL A 171 2.46 -3.11 47.13
N ARG A 172 2.22 -1.81 47.16
CA ARG A 172 1.87 -1.11 48.39
C ARG A 172 0.56 -1.69 48.90
N MET A 173 -0.22 -2.23 47.98
CA MET A 173 -1.51 -2.83 48.29
C MET A 173 -1.36 -4.20 48.95
N GLY A 174 -0.12 -4.65 49.15
CA GLY A 174 0.12 -5.94 49.79
C GLY A 174 0.22 -7.13 48.85
N LYS A 175 0.20 -6.86 47.55
CA LYS A 175 0.28 -7.93 46.55
C LYS A 175 1.72 -8.29 46.21
N PHE A 176 1.96 -9.57 45.93
CA PHE A 176 3.30 -10.01 45.54
C PHE A 176 3.25 -9.88 44.02
N VAL A 177 4.03 -8.94 43.49
CA VAL A 177 4.01 -8.65 42.05
C VAL A 177 5.09 -9.25 41.17
N VAL A 178 4.64 -9.91 40.11
CA VAL A 178 5.51 -10.54 39.12
C VAL A 178 5.29 -9.80 37.80
N THR A 179 6.36 -9.38 37.17
CA THR A 179 6.21 -8.68 35.91
C THR A 179 7.18 -9.16 34.87
N VAL A 180 6.83 -8.88 33.62
CA VAL A 180 7.66 -9.22 32.49
C VAL A 180 7.96 -7.86 31.89
N ASP A 181 9.23 -7.50 31.85
CA ASP A 181 9.62 -6.20 31.34
C ASP A 181 11.03 -6.21 30.78
N LEU A 182 11.17 -5.86 29.52
CA LEU A 182 12.47 -5.84 28.87
C LEU A 182 13.39 -4.72 29.38
N ASN A 183 12.81 -3.73 30.04
CA ASN A 183 13.60 -2.61 30.58
C ASN A 183 13.92 -2.89 32.05
N PRO A 184 15.13 -3.40 32.33
CA PRO A 184 15.57 -3.73 33.69
C PRO A 184 15.74 -2.51 34.60
N LEU A 185 15.70 -1.32 34.00
CA LEU A 185 15.86 -0.07 34.74
C LEU A 185 14.54 0.66 35.00
N SER A 186 13.46 0.15 34.43
CA SER A 186 12.15 0.78 34.61
C SER A 186 11.67 0.71 36.06
N ARG A 187 10.76 1.61 36.41
CA ARG A 187 10.20 1.64 37.76
C ARG A 187 9.47 0.33 38.01
N SER A 188 8.76 -0.16 37.00
CA SER A 188 8.02 -1.41 37.14
C SER A 188 8.96 -2.58 37.46
N ALA A 189 10.07 -2.65 36.75
CA ALA A 189 11.05 -3.71 36.94
C ALA A 189 11.69 -3.64 38.34
N ARG A 190 12.01 -2.42 38.78
CA ARG A 190 12.63 -2.23 40.08
C ARG A 190 11.66 -2.51 41.22
N MET A 191 10.41 -2.09 41.04
CA MET A 191 9.38 -2.24 42.06
C MET A 191 8.76 -3.61 42.24
N ALA A 192 8.70 -4.40 41.17
CA ALA A 192 8.11 -5.74 41.25
C ALA A 192 8.90 -6.63 42.19
N ASP A 193 8.28 -7.72 42.64
CA ASP A 193 8.93 -8.66 43.53
C ASP A 193 9.77 -9.65 42.72
N ILE A 194 9.26 -10.02 41.54
CA ILE A 194 9.98 -10.91 40.64
C ILE A 194 9.91 -10.28 39.25
N THR A 195 11.07 -9.94 38.71
CA THR A 195 11.14 -9.31 37.40
C THR A 195 11.79 -10.18 36.31
N ILE A 196 11.01 -10.49 35.28
CA ILE A 196 11.48 -11.29 34.16
C ILE A 196 11.83 -10.35 33.01
N VAL A 197 13.13 -10.19 32.76
CA VAL A 197 13.57 -9.31 31.68
C VAL A 197 13.75 -10.17 30.43
N ASP A 198 12.66 -10.31 29.70
CA ASP A 198 12.62 -11.13 28.49
C ASP A 198 11.42 -10.62 27.71
N ASN A 199 11.38 -10.89 26.41
CA ASN A 199 10.26 -10.46 25.59
C ASN A 199 9.09 -11.37 25.99
N ILE A 200 7.93 -10.77 26.26
CA ILE A 200 6.79 -11.57 26.66
C ILE A 200 6.49 -12.71 25.69
N VAL A 201 6.76 -12.51 24.39
CA VAL A 201 6.50 -13.58 23.42
C VAL A 201 7.37 -14.81 23.66
N ARG A 202 8.51 -14.61 24.32
CA ARG A 202 9.39 -15.73 24.63
C ARG A 202 9.15 -16.23 26.05
N ALA A 203 8.93 -15.28 26.97
CA ALA A 203 8.71 -15.61 28.38
C ALA A 203 7.49 -16.50 28.66
N TYR A 204 6.34 -16.17 28.07
CA TYR A 204 5.15 -16.97 28.32
C TYR A 204 5.25 -18.44 27.89
N PRO A 205 5.71 -18.72 26.66
CA PRO A 205 5.78 -20.15 26.36
C PRO A 205 6.79 -20.89 27.24
N ARG A 206 7.84 -20.22 27.69
CA ARG A 206 8.82 -20.88 28.55
C ARG A 206 8.21 -21.17 29.91
N MET A 207 7.41 -20.23 30.42
CA MET A 207 6.75 -20.38 31.71
C MET A 207 5.71 -21.48 31.69
N VAL A 208 4.97 -21.58 30.57
CA VAL A 208 3.98 -22.64 30.45
C VAL A 208 4.73 -23.95 30.62
N GLU A 209 5.83 -24.11 29.87
CA GLU A 209 6.62 -25.34 29.95
C GLU A 209 7.21 -25.59 31.34
N LEU A 210 7.66 -24.53 32.01
CA LEU A 210 8.20 -24.67 33.35
C LEU A 210 7.12 -25.17 34.30
N ALA A 211 5.90 -24.65 34.13
CA ALA A 211 4.76 -25.05 34.97
C ALA A 211 4.48 -26.54 34.84
N ARG A 212 4.56 -27.06 33.62
CA ARG A 212 4.32 -28.48 33.40
C ARG A 212 5.40 -29.29 34.11
N GLU A 213 6.66 -28.92 33.88
CA GLU A 213 7.78 -29.60 34.49
C GLU A 213 7.76 -29.59 36.01
N MET A 214 7.17 -28.57 36.60
CA MET A 214 7.13 -28.45 38.06
C MET A 214 5.82 -28.88 38.70
N LYS A 215 4.88 -29.38 37.88
CA LYS A 215 3.57 -29.82 38.35
C LYS A 215 3.60 -30.73 39.59
N ASP A 216 4.51 -31.70 39.59
CA ASP A 216 4.59 -32.64 40.70
C ASP A 216 5.58 -32.30 41.80
N TYR A 217 6.14 -31.09 41.76
CA TYR A 217 7.06 -30.67 42.80
C TYR A 217 6.24 -30.55 44.07
N SER A 218 6.83 -30.94 45.19
CA SER A 218 6.16 -30.84 46.48
C SER A 218 6.21 -29.37 46.87
N ARG A 219 5.57 -29.01 47.97
CA ARG A 219 5.60 -27.63 48.41
C ARG A 219 6.99 -27.26 48.91
N GLU A 220 7.69 -28.21 49.49
CA GLU A 220 9.03 -27.93 49.99
C GLU A 220 10.02 -27.61 48.86
N GLU A 221 9.88 -28.27 47.72
CA GLU A 221 10.81 -27.95 46.64
C GLU A 221 10.42 -26.67 45.89
N LEU A 222 9.13 -26.32 45.95
CA LEU A 222 8.67 -25.08 45.34
C LEU A 222 9.15 -23.94 46.23
N LEU A 223 9.11 -24.15 47.55
CA LEU A 223 9.56 -23.15 48.51
C LEU A 223 11.08 -22.99 48.40
N LYS A 224 11.75 -24.07 48.03
CA LYS A 224 13.20 -24.05 47.88
C LYS A 224 13.60 -23.06 46.78
N ILE A 225 12.88 -23.11 45.66
CA ILE A 225 13.16 -22.21 44.54
C ILE A 225 12.86 -20.76 44.86
N VAL A 226 11.72 -20.51 45.50
CA VAL A 226 11.31 -19.16 45.86
C VAL A 226 12.23 -18.53 46.90
N GLY A 227 12.60 -19.29 47.91
CA GLY A 227 13.46 -18.78 48.96
C GLY A 227 14.83 -18.33 48.48
N GLU A 228 15.39 -19.07 47.54
CA GLU A 228 16.71 -18.74 46.99
C GLU A 228 16.69 -17.55 46.05
N TYR A 229 15.52 -17.17 45.55
CA TYR A 229 15.43 -16.06 44.61
C TYR A 229 15.61 -14.67 45.22
N ASP A 230 16.44 -13.86 44.56
CA ASP A 230 16.72 -12.48 44.95
C ASP A 230 16.52 -11.62 43.68
N ASN A 231 15.46 -10.84 43.67
CA ASN A 231 15.16 -10.01 42.50
C ASN A 231 16.25 -8.99 42.21
N GLY A 232 16.70 -8.29 43.25
CA GLY A 232 17.73 -7.29 43.07
C GLY A 232 19.00 -7.88 42.46
N LYS A 233 19.41 -9.03 42.96
CA LYS A 233 20.61 -9.68 42.46
C LYS A 233 20.42 -10.08 41.00
N THR A 234 19.20 -10.48 40.66
CA THR A 234 18.88 -10.91 39.31
C THR A 234 18.90 -9.75 38.32
N LEU A 235 18.37 -8.60 38.72
CA LEU A 235 18.37 -7.43 37.85
C LEU A 235 19.81 -6.99 37.61
N SER A 236 20.65 -7.12 38.64
CA SER A 236 22.06 -6.76 38.50
C SER A 236 22.71 -7.68 37.49
N ASP A 237 22.37 -8.97 37.55
CA ASP A 237 22.96 -9.92 36.60
C ASP A 237 22.50 -9.59 35.19
N VAL A 238 21.28 -9.08 35.05
CA VAL A 238 20.77 -8.70 33.74
C VAL A 238 21.63 -7.56 33.18
N LEU A 239 21.80 -6.52 33.97
CA LEU A 239 22.59 -5.36 33.54
C LEU A 239 24.04 -5.77 33.30
N LEU A 240 24.57 -6.67 34.11
CA LEU A 240 25.94 -7.11 33.94
C LEU A 240 26.05 -7.88 32.62
N HIS A 241 25.03 -8.69 32.31
CA HIS A 241 25.04 -9.44 31.05
C HIS A 241 25.08 -8.43 29.90
N ILE A 242 24.23 -7.42 29.99
CA ILE A 242 24.19 -6.39 28.96
C ILE A 242 25.54 -5.66 28.81
N ARG A 243 26.14 -5.29 29.94
CA ARG A 243 27.41 -4.59 29.89
C ARG A 243 28.53 -5.43 29.29
N ASP A 244 28.54 -6.73 29.60
CA ASP A 244 29.56 -7.62 29.07
C ASP A 244 29.37 -7.78 27.56
N ARG A 245 28.12 -7.97 27.14
CA ARG A 245 27.82 -8.13 25.72
C ARG A 245 28.25 -6.86 24.98
N LEU A 246 27.90 -5.70 25.53
CA LEU A 246 28.28 -4.44 24.91
C LEU A 246 29.81 -4.34 24.79
N THR A 247 30.52 -4.75 25.85
CA THR A 247 31.99 -4.71 25.84
C THR A 247 32.52 -5.67 24.78
N ARG A 248 31.92 -6.84 24.70
CA ARG A 248 32.30 -7.86 23.74
C ARG A 248 32.10 -7.35 22.30
N LEU A 249 30.95 -6.72 22.04
CA LEU A 249 30.64 -6.20 20.72
C LEU A 249 31.60 -5.06 20.34
N ALA A 250 31.84 -4.16 21.29
CA ALA A 250 32.74 -3.04 21.05
C ALA A 250 34.14 -3.53 20.68
N GLU A 251 34.65 -4.49 21.44
CA GLU A 251 36.00 -5.03 21.19
C GLU A 251 36.14 -5.79 19.88
N GLU A 252 35.11 -6.51 19.48
CA GLU A 252 35.18 -7.28 18.23
C GLU A 252 34.72 -6.46 17.02
N GLY A 253 34.01 -5.37 17.29
CA GLY A 253 33.52 -4.53 16.21
C GLY A 253 32.21 -5.03 15.64
N ILE A 254 31.33 -4.12 15.21
CA ILE A 254 30.04 -4.51 14.66
C ILE A 254 29.81 -3.86 13.31
N TRP A 255 30.68 -2.93 12.95
CA TRP A 255 30.53 -2.25 11.68
C TRP A 255 30.58 -3.28 10.54
N ARG A 256 29.58 -3.22 9.67
CA ARG A 256 29.46 -4.13 8.54
C ARG A 256 29.30 -5.60 8.93
N ARG A 257 28.93 -5.87 10.18
CA ARG A 257 28.73 -7.24 10.62
C ARG A 257 27.29 -7.67 10.30
N LYS A 258 27.17 -8.74 9.50
CA LYS A 258 25.88 -9.30 9.08
C LYS A 258 24.89 -9.57 10.20
N GLU A 259 25.31 -10.36 11.19
CA GLU A 259 24.46 -10.71 12.31
C GLU A 259 25.25 -10.60 13.61
N LEU A 260 24.56 -10.32 14.71
CA LEU A 260 25.22 -10.18 16.00
C LEU A 260 25.01 -11.39 16.92
N ARG B 10 12.26 16.18 29.37
CA ARG B 10 11.03 15.34 29.24
C ARG B 10 9.93 16.08 28.51
N TYR B 11 9.86 17.39 28.70
CA TYR B 11 8.85 18.21 28.04
C TYR B 11 8.94 18.04 26.52
N TRP B 12 10.15 18.15 25.98
CA TRP B 12 10.35 18.02 24.55
C TRP B 12 10.13 16.61 24.03
N SER B 13 10.17 15.64 24.95
CA SER B 13 9.96 14.25 24.59
C SER B 13 8.47 14.09 24.22
N LEU B 14 7.61 14.66 25.05
CA LEU B 14 6.17 14.60 24.82
C LEU B 14 5.84 15.37 23.55
N TYR B 15 6.51 16.51 23.38
CA TYR B 15 6.32 17.36 22.22
C TYR B 15 6.55 16.59 20.92
N TYR B 16 7.68 15.92 20.83
CA TYR B 16 8.00 15.18 19.61
C TYR B 16 7.17 13.91 19.43
N ARG B 17 6.69 13.37 20.54
CA ARG B 17 5.87 12.18 20.48
C ARG B 17 4.55 12.55 19.80
N GLU B 18 3.99 13.70 20.19
CA GLU B 18 2.74 14.19 19.63
C GLU B 18 2.89 14.50 18.15
N LYS B 19 4.01 15.11 17.79
CA LYS B 19 4.27 15.43 16.39
C LYS B 19 4.21 14.15 15.57
N ILE B 20 4.71 13.06 16.13
CA ILE B 20 4.70 11.78 15.44
C ILE B 20 3.30 11.20 15.39
N ILE B 21 2.59 11.26 16.52
CA ILE B 21 1.23 10.76 16.58
C ILE B 21 0.34 11.52 15.61
N GLU B 22 0.46 12.85 15.61
CA GLU B 22 -0.32 13.69 14.71
C GLU B 22 0.03 13.34 13.27
N GLY B 23 1.32 13.14 13.02
CA GLY B 23 1.77 12.80 11.69
C GLY B 23 1.15 11.49 11.26
N MET B 24 0.92 10.59 12.22
CA MET B 24 0.32 9.30 11.91
C MET B 24 -1.16 9.45 11.56
N GLU B 25 -1.85 10.36 12.25
CA GLU B 25 -3.27 10.59 12.03
C GLU B 25 -3.55 11.28 10.70
N LYS B 26 -2.55 12.01 10.19
CA LYS B 26 -2.67 12.73 8.92
C LYS B 26 -2.41 11.80 7.75
N GLY B 27 -1.80 10.64 8.01
CA GLY B 27 -1.49 9.71 6.95
C GLY B 27 -0.14 10.07 6.34
N MET B 28 0.69 10.74 7.13
CA MET B 28 2.02 11.15 6.68
C MET B 28 3.05 10.18 7.26
N THR B 29 2.96 9.90 8.55
CA THR B 29 3.86 8.99 9.24
C THR B 29 3.27 7.58 9.26
N ALA B 30 4.07 6.58 8.90
CA ALA B 30 3.61 5.20 8.92
C ALA B 30 3.33 4.80 10.37
N LYS B 31 2.48 3.80 10.56
CA LYS B 31 2.15 3.32 11.90
C LYS B 31 3.39 2.71 12.53
N ALA B 32 4.19 2.04 11.69
CA ALA B 32 5.43 1.43 12.17
C ALA B 32 6.37 2.54 12.64
N GLY B 33 6.13 3.76 12.14
CA GLY B 33 6.95 4.90 12.53
C GLY B 33 6.75 5.27 13.98
N LEU B 34 5.55 4.98 14.51
CA LEU B 34 5.25 5.27 15.90
C LEU B 34 6.03 4.30 16.77
N ILE B 35 6.10 3.05 16.33
CA ILE B 35 6.84 2.04 17.07
C ILE B 35 8.32 2.42 17.02
N ALA B 36 8.80 2.75 15.82
CA ALA B 36 10.19 3.16 15.62
C ALA B 36 10.53 4.37 16.49
N HIS B 37 9.56 5.25 16.72
CA HIS B 37 9.80 6.43 17.55
C HIS B 37 10.04 6.01 18.98
N GLY B 38 9.30 5.00 19.43
CA GLY B 38 9.47 4.50 20.78
C GLY B 38 10.83 3.85 20.97
N ARG B 39 11.32 3.17 19.94
CA ARG B 39 12.62 2.53 20.02
C ARG B 39 13.67 3.63 20.11
N GLY B 40 13.43 4.72 19.40
CA GLY B 40 14.34 5.85 19.43
C GLY B 40 14.36 6.48 20.81
N GLU B 41 13.19 6.59 21.44
CA GLU B 41 13.10 7.17 22.78
C GLU B 41 13.94 6.42 23.80
N ALA B 42 13.88 5.09 23.75
CA ALA B 42 14.62 4.24 24.67
C ALA B 42 16.14 4.44 24.48
N PHE B 43 16.59 4.40 23.24
CA PHE B 43 18.01 4.59 22.97
C PHE B 43 18.47 6.01 23.30
N ASP B 44 17.58 6.98 23.12
CA ASP B 44 17.93 8.38 23.43
C ASP B 44 18.15 8.46 24.93
N TYR B 45 17.32 7.73 25.66
CA TYR B 45 17.43 7.69 27.11
C TYR B 45 18.77 7.05 27.47
N LEU B 46 19.10 5.95 26.80
CA LEU B 46 20.35 5.24 27.04
C LEU B 46 21.63 6.04 26.77
N ILE B 47 21.61 6.95 25.79
CA ILE B 47 22.82 7.73 25.50
C ILE B 47 22.87 9.06 26.24
N GLY B 48 21.75 9.46 26.84
CA GLY B 48 21.75 10.72 27.58
C GLY B 48 20.91 11.87 27.06
N GLU B 49 20.13 11.65 26.01
CA GLU B 49 19.27 12.71 25.50
C GLU B 49 20.10 13.91 25.05
N ARG B 50 21.25 13.64 24.43
CA ARG B 50 22.11 14.72 23.96
C ARG B 50 23.04 14.24 22.85
N THR B 51 23.79 15.17 22.28
CA THR B 51 24.74 14.86 21.23
C THR B 51 26.03 14.43 21.88
N ILE B 52 26.34 13.14 21.83
CA ILE B 52 27.58 12.69 22.46
C ILE B 52 28.73 12.89 21.48
N GLU B 53 29.94 12.96 22.04
CA GLU B 53 31.13 13.19 21.24
C GLU B 53 31.24 12.32 19.97
N PRO B 54 30.96 11.01 20.07
CA PRO B 54 31.03 10.13 18.89
C PRO B 54 30.03 10.53 17.80
N ALA B 55 28.93 11.15 18.23
CA ALA B 55 27.91 11.62 17.29
C ALA B 55 28.44 12.87 16.60
N GLU B 56 29.04 13.77 17.38
CA GLU B 56 29.59 15.00 16.83
C GLU B 56 30.71 14.63 15.85
N ARG B 57 31.48 13.61 16.21
CA ARG B 57 32.57 13.13 15.39
C ARG B 57 32.02 12.60 14.07
N ALA B 58 30.92 11.84 14.16
CA ALA B 58 30.29 11.28 12.96
C ALA B 58 29.71 12.40 12.10
N MET B 59 29.10 13.40 12.74
CA MET B 59 28.52 14.50 11.99
C MET B 59 29.57 15.32 11.23
N ARG B 60 30.72 15.56 11.86
CA ARG B 60 31.78 16.31 11.20
C ARG B 60 32.19 15.62 9.90
N ALA B 61 32.36 14.30 9.99
CA ALA B 61 32.77 13.53 8.82
C ALA B 61 31.67 13.49 7.77
N ALA B 62 30.41 13.38 8.21
CA ALA B 62 29.29 13.33 7.27
C ALA B 62 29.22 14.63 6.49
N VAL B 63 29.32 15.74 7.21
CA VAL B 63 29.25 17.04 6.56
C VAL B 63 30.40 17.26 5.60
N ALA B 64 31.61 16.86 5.99
CA ALA B 64 32.76 17.01 5.13
C ALA B 64 32.56 16.17 3.87
N LYS B 65 32.04 14.97 4.07
CA LYS B 65 31.78 14.04 2.96
C LYS B 65 30.72 14.60 2.00
N PHE B 66 29.68 15.23 2.56
CA PHE B 66 28.64 15.81 1.73
C PHE B 66 29.16 17.00 0.94
N LEU B 67 30.04 17.79 1.54
CA LEU B 67 30.61 18.93 0.83
C LEU B 67 31.58 18.46 -0.25
N LEU B 68 32.01 17.20 -0.18
CA LEU B 68 32.91 16.65 -1.20
C LEU B 68 32.12 15.99 -2.32
N ALA B 69 30.86 15.63 -2.01
CA ALA B 69 30.00 14.96 -2.97
C ALA B 69 29.73 15.73 -4.26
N GLU B 70 29.55 15.00 -5.34
CA GLU B 70 29.24 15.64 -6.62
C GLU B 70 27.73 15.57 -6.87
N HIS B 71 27.07 14.60 -6.23
CA HIS B 71 25.62 14.43 -6.39
C HIS B 71 25.00 14.01 -5.06
N PRO B 72 25.04 14.89 -4.05
CA PRO B 72 24.47 14.55 -2.75
C PRO B 72 22.95 14.62 -2.71
N VAL B 73 22.34 13.66 -2.01
CA VAL B 73 20.90 13.63 -1.85
C VAL B 73 20.52 13.34 -0.40
N ILE B 74 19.52 14.04 0.10
CA ILE B 74 19.03 13.82 1.46
C ILE B 74 17.64 13.18 1.35
N SER B 75 17.53 11.97 1.85
CA SER B 75 16.28 11.22 1.81
C SER B 75 15.32 11.65 2.92
N VAL B 76 14.03 11.67 2.62
CA VAL B 76 13.01 12.07 3.59
C VAL B 76 11.93 10.99 3.74
N ASN B 77 11.58 10.66 4.98
CA ASN B 77 10.53 9.68 5.23
C ASN B 77 9.46 10.23 6.18
N GLY B 78 8.48 9.41 6.52
CA GLY B 78 7.41 9.85 7.40
C GLY B 78 7.81 10.35 8.78
N ASN B 79 8.91 9.84 9.32
CA ASN B 79 9.34 10.28 10.65
C ASN B 79 10.10 11.60 10.54
N VAL B 80 10.87 11.76 9.48
CA VAL B 80 11.61 12.99 9.26
C VAL B 80 10.58 14.11 9.04
N ALA B 81 9.58 13.81 8.21
CA ALA B 81 8.53 14.78 7.89
C ALA B 81 7.82 15.34 9.11
N ALA B 82 7.61 14.50 10.12
CA ALA B 82 6.94 14.93 11.33
C ALA B 82 7.85 15.61 12.34
N LEU B 83 9.10 15.16 12.40
CA LEU B 83 10.06 15.70 13.36
C LEU B 83 10.90 16.89 12.90
N VAL B 84 11.44 16.84 11.69
CA VAL B 84 12.31 17.92 11.23
C VAL B 84 12.05 18.45 9.82
N PRO B 85 10.78 18.67 9.46
CA PRO B 85 10.46 19.17 8.12
C PRO B 85 11.24 20.43 7.72
N LYS B 86 11.36 21.37 8.64
CA LYS B 86 12.10 22.59 8.32
C LYS B 86 13.62 22.37 8.31
N GLU B 87 14.12 21.66 9.31
CA GLU B 87 15.56 21.42 9.40
C GLU B 87 16.13 20.59 8.25
N THR B 88 15.34 19.70 7.65
CA THR B 88 15.83 18.89 6.55
C THR B 88 16.00 19.74 5.29
N ILE B 89 15.14 20.74 5.13
CA ILE B 89 15.24 21.63 3.97
C ILE B 89 16.50 22.48 4.15
N GLU B 90 16.69 22.98 5.37
CA GLU B 90 17.86 23.80 5.68
C GLU B 90 19.14 23.01 5.44
N LEU B 91 19.12 21.73 5.82
CA LEU B 91 20.27 20.87 5.65
C LEU B 91 20.57 20.62 4.16
N ALA B 92 19.52 20.40 3.37
CA ALA B 92 19.72 20.15 1.95
C ALA B 92 20.37 21.38 1.30
N LYS B 93 19.90 22.56 1.68
CA LYS B 93 20.44 23.80 1.13
C LYS B 93 21.88 24.03 1.58
N ALA B 94 22.11 23.91 2.89
CA ALA B 94 23.44 24.11 3.45
C ALA B 94 24.47 23.16 2.83
N LEU B 95 24.03 21.98 2.42
CA LEU B 95 24.94 21.00 1.81
C LEU B 95 24.81 20.96 0.29
N ASN B 96 23.99 21.85 -0.27
CA ASN B 96 23.76 21.90 -1.71
C ASN B 96 23.34 20.54 -2.24
N ALA B 97 22.48 19.86 -1.49
CA ALA B 97 22.00 18.53 -1.87
C ALA B 97 20.54 18.58 -2.29
N LYS B 98 20.11 17.55 -3.02
CA LYS B 98 18.73 17.47 -3.45
C LYS B 98 17.93 16.72 -2.40
N LEU B 99 16.61 16.98 -2.35
CA LEU B 99 15.72 16.31 -1.40
C LEU B 99 14.87 15.29 -2.14
N GLU B 100 14.82 14.08 -1.60
CA GLU B 100 14.00 13.04 -2.20
C GLU B 100 13.18 12.30 -1.17
N ILE B 101 11.88 12.19 -1.41
CA ILE B 101 11.00 11.48 -0.52
C ILE B 101 11.17 10.02 -0.88
N ASN B 102 11.56 9.21 0.10
CA ASN B 102 11.75 7.80 -0.14
C ASN B 102 11.22 7.05 1.06
N LEU B 103 10.11 6.32 0.85
CA LEU B 103 9.45 5.61 1.94
C LEU B 103 9.59 4.10 1.86
N PHE B 104 9.49 3.45 3.02
CA PHE B 104 9.55 2.00 3.05
C PHE B 104 8.13 1.50 2.80
N TYR B 105 7.16 2.18 3.41
CA TYR B 105 5.76 1.83 3.25
C TYR B 105 5.18 2.90 2.32
N ARG B 106 5.68 2.91 1.10
CA ARG B 106 5.28 3.89 0.10
C ARG B 106 3.85 3.79 -0.44
N THR B 107 3.21 4.96 -0.55
CA THR B 107 1.87 5.10 -1.13
C THR B 107 1.89 6.52 -1.68
N GLU B 108 1.24 6.76 -2.81
CA GLU B 108 1.23 8.10 -3.40
C GLU B 108 0.64 9.13 -2.44
N GLU B 109 -0.38 8.74 -1.68
CA GLU B 109 -1.00 9.68 -0.75
C GLU B 109 -0.01 10.15 0.31
N ARG B 110 0.83 9.24 0.78
CA ARG B 110 1.82 9.59 1.79
C ARG B 110 2.87 10.52 1.20
N VAL B 111 3.32 10.22 -0.02
CA VAL B 111 4.31 11.07 -0.66
C VAL B 111 3.77 12.49 -0.81
N ARG B 112 2.53 12.60 -1.30
CA ARG B 112 1.93 13.92 -1.50
C ARG B 112 1.82 14.67 -0.18
N THR B 113 1.36 13.97 0.85
CA THR B 113 1.21 14.57 2.16
C THR B 113 2.55 15.05 2.71
N ILE B 114 3.60 14.26 2.48
CA ILE B 114 4.94 14.63 2.94
C ILE B 114 5.42 15.85 2.17
N ALA B 115 5.28 15.81 0.85
CA ALA B 115 5.67 16.92 -0.01
C ALA B 115 5.00 18.21 0.44
N GLU B 116 3.71 18.12 0.78
CA GLU B 116 2.95 19.29 1.23
C GLU B 116 3.51 19.86 2.54
N GLU B 117 3.90 18.99 3.45
CA GLU B 117 4.45 19.43 4.73
C GLU B 117 5.71 20.26 4.48
N LEU B 118 6.56 19.75 3.60
CA LEU B 118 7.80 20.44 3.25
C LEU B 118 7.49 21.78 2.57
N ARG B 119 6.48 21.78 1.70
CA ARG B 119 6.09 22.99 0.99
C ARG B 119 5.63 24.10 1.92
N LYS B 120 5.17 23.74 3.12
CA LYS B 120 4.73 24.74 4.08
C LYS B 120 5.92 25.60 4.52
N TYR B 121 7.12 25.04 4.44
CA TYR B 121 8.32 25.77 4.84
C TYR B 121 9.06 26.38 3.66
N ASP B 122 8.86 25.79 2.48
CA ASP B 122 9.50 26.29 1.27
C ASP B 122 8.64 25.89 0.07
N PRO B 123 7.69 26.75 -0.31
CA PRO B 123 6.79 26.48 -1.44
C PRO B 123 7.48 26.19 -2.78
N GLU B 124 8.69 26.68 -2.96
CA GLU B 124 9.40 26.47 -4.22
C GLU B 124 10.46 25.36 -4.22
N ILE B 125 10.66 24.72 -3.06
CA ILE B 125 11.64 23.65 -2.93
C ILE B 125 11.40 22.49 -3.89
N GLU B 126 12.45 22.05 -4.59
CA GLU B 126 12.37 20.94 -5.52
C GLU B 126 12.31 19.63 -4.71
N ILE B 127 11.36 18.76 -5.03
CA ILE B 127 11.21 17.51 -4.31
C ILE B 127 11.20 16.31 -5.23
N LEU B 128 12.20 15.45 -5.07
CA LEU B 128 12.29 14.25 -5.90
C LEU B 128 11.61 13.09 -5.17
N GLY B 129 11.42 11.98 -5.88
CA GLY B 129 10.76 10.84 -5.27
C GLY B 129 9.26 10.81 -5.49
N ILE B 130 8.76 11.71 -6.34
CA ILE B 130 7.32 11.76 -6.64
C ILE B 130 7.01 10.69 -7.69
N ASN B 131 7.92 10.54 -8.65
CA ASN B 131 7.73 9.56 -9.71
C ASN B 131 8.97 8.71 -9.94
N PRO B 132 9.44 8.00 -8.90
CA PRO B 132 10.62 7.15 -9.01
C PRO B 132 10.49 6.12 -10.14
N THR B 133 11.49 6.05 -11.01
CA THR B 133 11.45 5.11 -12.11
C THR B 133 12.59 4.10 -12.10
N LYS B 134 13.51 4.24 -11.14
CA LYS B 134 14.66 3.37 -11.04
C LYS B 134 14.60 2.42 -9.85
N ARG B 135 15.02 1.18 -10.07
CA ARG B 135 14.98 0.17 -9.02
C ARG B 135 16.32 -0.06 -8.34
N ILE B 136 16.26 -0.28 -7.03
CA ILE B 136 17.44 -0.56 -6.23
C ILE B 136 17.58 -2.07 -6.30
N PRO B 137 18.70 -2.58 -6.82
CA PRO B 137 18.87 -4.04 -6.89
C PRO B 137 18.61 -4.71 -5.54
N GLY B 138 17.88 -5.82 -5.57
CA GLY B 138 17.59 -6.55 -4.34
C GLY B 138 16.38 -6.05 -3.59
N LEU B 139 15.85 -4.91 -3.99
CA LEU B 139 14.67 -4.37 -3.32
C LEU B 139 13.45 -4.51 -4.23
N GLU B 140 12.39 -5.09 -3.69
CA GLU B 140 11.19 -5.31 -4.48
C GLU B 140 10.10 -4.26 -4.34
N HIS B 141 9.24 -4.24 -5.35
CA HIS B 141 8.08 -3.36 -5.42
C HIS B 141 8.31 -1.88 -5.18
N GLU B 142 7.41 -1.31 -4.38
CA GLU B 142 7.39 0.11 -4.02
C GLU B 142 8.52 0.50 -3.07
N ARG B 143 8.94 -0.45 -2.25
CA ARG B 143 10.00 -0.18 -1.29
C ARG B 143 11.38 -0.09 -1.95
N GLY B 144 11.47 -0.49 -3.22
CA GLY B 144 12.74 -0.48 -3.91
C GLY B 144 12.93 0.41 -5.12
N LYS B 145 12.20 1.50 -5.22
CA LYS B 145 12.37 2.40 -6.37
C LYS B 145 12.81 3.79 -5.93
N VAL B 146 13.74 4.36 -6.67
CA VAL B 146 14.26 5.68 -6.37
C VAL B 146 14.18 6.60 -7.58
N ASP B 147 14.33 7.89 -7.35
CA ASP B 147 14.26 8.86 -8.42
C ASP B 147 15.52 8.83 -9.29
N GLU B 148 15.31 8.86 -10.60
CA GLU B 148 16.40 8.82 -11.57
C GLU B 148 17.40 9.97 -11.38
N ASN B 149 16.90 11.13 -10.96
CA ASN B 149 17.74 12.31 -10.75
C ASN B 149 18.18 12.50 -9.30
N GLY B 150 17.69 11.64 -8.42
CA GLY B 150 18.04 11.76 -7.01
C GLY B 150 19.01 10.70 -6.55
N ILE B 151 18.52 9.79 -5.71
CA ILE B 151 19.32 8.71 -5.16
C ILE B 151 19.95 7.80 -6.22
N TRP B 152 19.31 7.69 -7.37
CA TRP B 152 19.84 6.84 -8.44
C TRP B 152 21.22 7.31 -8.93
N LYS B 153 21.39 8.62 -9.03
CA LYS B 153 22.65 9.20 -9.49
C LYS B 153 23.53 9.69 -8.36
N ALA B 154 23.06 9.59 -7.12
CA ALA B 154 23.81 10.07 -5.97
C ALA B 154 25.06 9.27 -5.63
N ASP B 155 26.09 9.99 -5.19
CA ASP B 155 27.34 9.35 -4.77
C ASP B 155 27.33 9.29 -3.24
N VAL B 156 26.70 10.29 -2.61
CA VAL B 156 26.59 10.36 -1.16
C VAL B 156 25.12 10.61 -0.81
N VAL B 157 24.56 9.79 0.06
CA VAL B 157 23.17 9.92 0.43
C VAL B 157 22.91 9.73 1.91
N LEU B 158 22.01 10.56 2.44
CA LEU B 158 21.64 10.50 3.83
C LEU B 158 20.26 9.85 3.93
N VAL B 159 20.19 8.66 4.52
CA VAL B 159 18.94 7.94 4.72
C VAL B 159 18.73 7.70 6.21
N PRO B 160 18.18 8.70 6.93
CA PRO B 160 17.93 8.65 8.36
C PRO B 160 16.79 7.73 8.76
N LEU B 161 16.82 7.25 10.01
CA LEU B 161 15.79 6.37 10.57
C LEU B 161 15.30 5.42 9.51
N GLU B 162 16.24 4.64 8.98
CA GLU B 162 15.97 3.72 7.90
C GLU B 162 16.02 2.24 8.26
N ASP B 163 15.30 1.45 7.49
CA ASP B 163 15.29 0.00 7.69
C ASP B 163 16.63 -0.50 7.13
N GLY B 164 17.29 -1.37 7.88
CA GLY B 164 18.59 -1.90 7.50
C GLY B 164 18.73 -2.50 6.12
N ASP B 165 17.73 -3.23 5.66
CA ASP B 165 17.78 -3.84 4.35
C ASP B 165 17.96 -2.79 3.27
N ARG B 166 17.28 -1.65 3.42
CA ARG B 166 17.37 -0.58 2.44
C ARG B 166 18.71 0.14 2.51
N THR B 167 19.21 0.33 3.72
CA THR B 167 20.50 0.98 3.89
C THR B 167 21.54 0.11 3.21
N GLU B 168 21.50 -1.19 3.51
CA GLU B 168 22.45 -2.13 2.95
C GLU B 168 22.37 -2.20 1.41
N ALA B 169 21.14 -2.24 0.89
CA ALA B 169 20.95 -2.31 -0.55
C ALA B 169 21.60 -1.10 -1.24
N LEU B 170 21.52 0.06 -0.59
CA LEU B 170 22.13 1.26 -1.15
C LEU B 170 23.66 1.12 -1.14
N VAL B 171 24.19 0.56 -0.06
CA VAL B 171 25.62 0.35 0.03
C VAL B 171 26.07 -0.67 -1.04
N ARG B 172 25.28 -1.72 -1.24
CA ARG B 172 25.61 -2.73 -2.25
C ARG B 172 25.73 -2.08 -3.63
N MET B 173 24.95 -1.03 -3.85
CA MET B 173 24.95 -0.30 -5.11
C MET B 173 26.20 0.55 -5.28
N GLY B 174 27.03 0.60 -4.24
CA GLY B 174 28.26 1.38 -4.32
C GLY B 174 28.07 2.82 -3.89
N LYS B 175 26.93 3.15 -3.32
CA LYS B 175 26.71 4.51 -2.86
C LYS B 175 27.29 4.69 -1.46
N PHE B 176 27.67 5.91 -1.12
CA PHE B 176 28.22 6.18 0.21
C PHE B 176 27.02 6.60 1.07
N VAL B 177 26.70 5.76 2.05
CA VAL B 177 25.55 5.99 2.91
C VAL B 177 25.77 6.57 4.30
N VAL B 178 25.09 7.68 4.57
CA VAL B 178 25.17 8.32 5.87
C VAL B 178 23.79 8.12 6.50
N THR B 179 23.74 7.81 7.78
CA THR B 179 22.44 7.67 8.43
C THR B 179 22.46 8.25 9.83
N VAL B 180 21.28 8.68 10.28
CA VAL B 180 21.09 9.21 11.62
C VAL B 180 20.19 8.11 12.19
N ASP B 181 20.64 7.47 13.26
CA ASP B 181 19.88 6.37 13.87
C ASP B 181 20.30 6.20 15.31
N LEU B 182 19.34 6.34 16.24
CA LEU B 182 19.66 6.20 17.66
C LEU B 182 19.99 4.77 18.11
N ASN B 183 19.70 3.77 17.27
CA ASN B 183 20.02 2.39 17.64
C ASN B 183 21.34 2.02 16.96
N PRO B 184 22.44 2.00 17.72
CA PRO B 184 23.76 1.67 17.19
C PRO B 184 23.91 0.20 16.80
N LEU B 185 23.00 -0.64 17.30
CA LEU B 185 23.01 -2.06 17.02
C LEU B 185 22.19 -2.49 15.80
N SER B 186 21.36 -1.59 15.29
CA SER B 186 20.52 -1.91 14.13
C SER B 186 21.34 -2.23 12.89
N ARG B 187 20.74 -2.95 11.96
CA ARG B 187 21.41 -3.31 10.73
C ARG B 187 21.75 -2.03 9.95
N SER B 188 20.84 -1.06 9.99
CA SER B 188 21.08 0.19 9.31
C SER B 188 22.36 0.88 9.84
N ALA B 189 22.46 0.97 11.16
CA ALA B 189 23.62 1.58 11.83
C ALA B 189 24.92 0.85 11.51
N ARG B 190 24.83 -0.47 11.45
CA ARG B 190 26.00 -1.30 11.14
C ARG B 190 26.43 -1.27 9.69
N MET B 191 25.49 -1.09 8.77
CA MET B 191 25.83 -1.12 7.35
C MET B 191 26.17 0.23 6.72
N ALA B 192 25.76 1.31 7.35
CA ALA B 192 26.02 2.64 6.82
C ALA B 192 27.52 2.93 6.83
N ASP B 193 27.95 3.84 5.97
CA ASP B 193 29.35 4.21 5.91
C ASP B 193 29.69 5.13 7.08
N ILE B 194 28.76 6.02 7.40
CA ILE B 194 28.91 6.92 8.54
C ILE B 194 27.59 6.84 9.31
N THR B 195 27.69 6.55 10.60
CA THR B 195 26.51 6.40 11.43
C THR B 195 26.49 7.44 12.55
N ILE B 196 25.44 8.25 12.56
CA ILE B 196 25.28 9.29 13.56
C ILE B 196 24.30 8.81 14.60
N VAL B 197 24.81 8.51 15.79
CA VAL B 197 23.94 8.04 16.85
C VAL B 197 23.56 9.20 17.74
N ASP B 198 22.54 9.92 17.31
CA ASP B 198 22.02 11.09 17.99
C ASP B 198 20.56 11.25 17.53
N ASN B 199 19.73 11.94 18.30
CA ASN B 199 18.34 12.13 17.91
C ASN B 199 18.36 13.07 16.70
N ILE B 200 17.56 12.78 15.70
CA ILE B 200 17.54 13.62 14.51
C ILE B 200 17.14 15.08 14.77
N VAL B 201 16.38 15.35 15.84
CA VAL B 201 15.98 16.73 16.12
C VAL B 201 17.19 17.54 16.56
N ARG B 202 18.22 16.86 17.03
CA ARG B 202 19.43 17.55 17.46
C ARG B 202 20.49 17.50 16.36
N ALA B 203 20.59 16.34 15.69
CA ALA B 203 21.59 16.13 14.65
C ALA B 203 21.49 17.07 13.45
N TYR B 204 20.30 17.27 12.92
CA TYR B 204 20.16 18.15 11.76
C TYR B 204 20.56 19.60 12.03
N PRO B 205 20.06 20.19 13.13
CA PRO B 205 20.49 21.57 13.34
C PRO B 205 22.02 21.68 13.55
N ARG B 206 22.62 20.66 14.16
CA ARG B 206 24.07 20.69 14.36
C ARG B 206 24.79 20.52 13.02
N MET B 207 24.25 19.69 12.14
CA MET B 207 24.88 19.50 10.84
C MET B 207 24.73 20.77 9.99
N VAL B 208 23.66 21.52 10.21
CA VAL B 208 23.47 22.75 9.47
C VAL B 208 24.57 23.72 9.89
N GLU B 209 24.79 23.82 11.19
CA GLU B 209 25.82 24.70 11.71
C GLU B 209 27.21 24.25 11.25
N LEU B 210 27.46 22.95 11.27
CA LEU B 210 28.76 22.44 10.83
C LEU B 210 28.98 22.80 9.36
N ALA B 211 27.95 22.64 8.53
CA ALA B 211 28.06 22.95 7.11
C ALA B 211 28.49 24.38 6.85
N ARG B 212 27.91 25.32 7.59
CA ARG B 212 28.25 26.71 7.39
C ARG B 212 29.67 26.98 7.87
N GLU B 213 30.08 26.31 8.94
CA GLU B 213 31.42 26.48 9.47
C GLU B 213 32.49 25.86 8.56
N MET B 214 32.09 24.90 7.74
CA MET B 214 33.05 24.22 6.87
C MET B 214 32.94 24.64 5.40
N LYS B 215 31.99 25.53 5.09
CA LYS B 215 31.78 25.97 3.71
C LYS B 215 33.01 26.49 2.97
N ASP B 216 33.96 27.09 3.69
CA ASP B 216 35.15 27.61 3.02
C ASP B 216 36.35 26.66 3.06
N TYR B 217 36.13 25.47 3.59
CA TYR B 217 37.19 24.47 3.67
C TYR B 217 37.60 24.02 2.26
N SER B 218 38.89 23.82 2.06
CA SER B 218 39.39 23.33 0.79
C SER B 218 39.03 21.86 0.75
N ARG B 219 39.11 21.23 -0.42
CA ARG B 219 38.78 19.82 -0.51
C ARG B 219 39.78 19.00 0.32
N GLU B 220 41.01 19.49 0.43
CA GLU B 220 42.04 18.80 1.21
C GLU B 220 41.67 18.73 2.70
N GLU B 221 41.13 19.83 3.23
CA GLU B 221 40.74 19.84 4.65
C GLU B 221 39.56 18.93 4.90
N LEU B 222 38.64 18.89 3.94
CA LEU B 222 37.45 18.06 4.05
C LEU B 222 37.88 16.61 4.00
N LEU B 223 38.75 16.30 3.04
CA LEU B 223 39.26 14.94 2.87
C LEU B 223 40.02 14.50 4.11
N LYS B 224 40.67 15.44 4.78
CA LYS B 224 41.41 15.13 5.98
C LYS B 224 40.43 14.56 7.02
N ILE B 225 39.34 15.29 7.24
CA ILE B 225 38.33 14.88 8.20
C ILE B 225 37.77 13.51 7.88
N VAL B 226 37.32 13.34 6.64
CA VAL B 226 36.77 12.06 6.19
C VAL B 226 37.81 10.95 6.36
N GLY B 227 39.02 11.24 5.94
CA GLY B 227 40.09 10.26 6.02
C GLY B 227 40.40 9.78 7.43
N GLU B 228 40.26 10.66 8.42
CA GLU B 228 40.54 10.27 9.79
C GLU B 228 39.34 9.66 10.48
N TYR B 229 38.21 9.59 9.79
CA TYR B 229 37.00 9.04 10.39
C TYR B 229 36.90 7.53 10.23
N ASP B 230 36.71 6.85 11.35
CA ASP B 230 36.57 5.40 11.36
C ASP B 230 35.19 5.06 11.94
N ASN B 231 34.24 4.70 11.08
CA ASN B 231 32.90 4.39 11.58
C ASN B 231 32.85 3.19 12.51
N GLY B 232 33.78 2.25 12.34
CA GLY B 232 33.83 1.08 13.20
C GLY B 232 34.19 1.44 14.62
N LYS B 233 35.23 2.26 14.80
CA LYS B 233 35.64 2.67 16.15
C LYS B 233 34.56 3.55 16.79
N THR B 234 33.93 4.38 15.99
CA THR B 234 32.87 5.26 16.48
C THR B 234 31.70 4.44 17.00
N LEU B 235 31.29 3.43 16.25
CA LEU B 235 30.18 2.57 16.69
C LEU B 235 30.59 1.89 17.99
N SER B 236 31.83 1.43 18.06
CA SER B 236 32.30 0.80 19.29
C SER B 236 32.23 1.79 20.44
N ASP B 237 32.65 3.04 20.20
CA ASP B 237 32.62 4.04 21.27
C ASP B 237 31.20 4.31 21.74
N VAL B 238 30.25 4.33 20.82
CA VAL B 238 28.87 4.55 21.19
C VAL B 238 28.44 3.43 22.15
N LEU B 239 28.79 2.20 21.82
CA LEU B 239 28.42 1.07 22.68
C LEU B 239 29.08 1.18 24.06
N LEU B 240 30.34 1.59 24.10
CA LEU B 240 31.02 1.73 25.38
C LEU B 240 30.37 2.88 26.17
N HIS B 241 29.96 3.93 25.45
CA HIS B 241 29.32 5.05 26.11
C HIS B 241 28.03 4.56 26.77
N ILE B 242 27.23 3.77 26.04
CA ILE B 242 25.98 3.25 26.57
C ILE B 242 26.27 2.36 27.77
N ARG B 243 27.27 1.49 27.64
CA ARG B 243 27.65 0.61 28.73
C ARG B 243 27.93 1.44 29.99
N ASP B 244 28.79 2.46 29.85
CA ASP B 244 29.14 3.28 31.00
C ASP B 244 27.93 3.98 31.60
N ARG B 245 27.02 4.43 30.75
CA ARG B 245 25.82 5.10 31.24
C ARG B 245 24.95 4.11 32.00
N LEU B 246 24.80 2.89 31.46
CA LEU B 246 24.00 1.87 32.15
C LEU B 246 24.51 1.68 33.57
N THR B 247 25.83 1.66 33.71
CA THR B 247 26.46 1.50 35.01
C THR B 247 26.08 2.63 35.94
N ARG B 248 26.40 3.86 35.55
CA ARG B 248 26.07 5.01 36.37
C ARG B 248 24.58 4.99 36.68
N LEU B 249 23.77 4.85 35.62
CA LEU B 249 22.33 4.80 35.73
C LEU B 249 21.87 3.86 36.84
N ALA B 250 22.62 2.78 37.06
CA ALA B 250 22.29 1.82 38.09
C ALA B 250 22.34 2.45 39.49
N GLU B 251 22.89 3.65 39.57
CA GLU B 251 22.99 4.38 40.85
C GLU B 251 22.04 5.58 40.82
N GLU B 252 21.96 6.24 39.67
CA GLU B 252 21.07 7.39 39.49
C GLU B 252 19.61 6.95 39.33
N GLY B 253 18.77 7.37 40.26
CA GLY B 253 17.36 7.00 40.21
C GLY B 253 16.98 6.05 41.33
N ILE B 254 15.67 5.91 41.56
CA ILE B 254 15.16 5.03 42.61
C ILE B 254 15.68 3.59 42.43
N TRP B 255 15.45 2.73 43.41
CA TRP B 255 15.91 1.35 43.30
C TRP B 255 15.19 0.38 44.24
N ARG B 256 15.45 -0.91 44.01
CA ARG B 256 14.89 -2.01 44.79
C ARG B 256 15.17 -3.35 44.07
N PRO C 9 -1.62 -11.21 -29.78
CA PRO C 9 -3.06 -11.00 -29.50
C PRO C 9 -3.25 -10.49 -28.08
N ARG C 10 -3.25 -11.42 -27.12
CA ARG C 10 -3.40 -11.07 -25.72
C ARG C 10 -2.04 -10.57 -25.25
N TYR C 11 -0.99 -10.98 -25.95
CA TYR C 11 0.37 -10.58 -25.62
C TYR C 11 0.50 -9.07 -25.66
N TRP C 12 0.24 -8.48 -26.82
CA TRP C 12 0.34 -7.04 -26.97
C TRP C 12 -0.60 -6.31 -26.02
N SER C 13 -1.74 -6.93 -25.73
CA SER C 13 -2.69 -6.34 -24.80
C SER C 13 -1.92 -6.01 -23.53
N LEU C 14 -1.30 -7.03 -22.96
CA LEU C 14 -0.51 -6.86 -21.73
C LEU C 14 0.69 -5.94 -21.99
N TYR C 15 1.33 -6.13 -23.13
CA TYR C 15 2.49 -5.31 -23.48
C TYR C 15 2.19 -3.80 -23.35
N TYR C 16 1.16 -3.34 -24.06
CA TYR C 16 0.77 -1.93 -24.03
C TYR C 16 0.12 -1.56 -22.70
N ARG C 17 -0.42 -2.55 -22.01
CA ARG C 17 -1.01 -2.28 -20.72
C ARG C 17 0.15 -1.92 -19.79
N GLU C 18 1.25 -2.68 -19.90
CA GLU C 18 2.44 -2.43 -19.11
C GLU C 18 3.09 -1.11 -19.52
N LYS C 19 3.01 -0.78 -20.80
CA LYS C 19 3.56 0.47 -21.30
C LYS C 19 2.81 1.67 -20.75
N ILE C 20 1.49 1.58 -20.67
CA ILE C 20 0.70 2.70 -20.16
C ILE C 20 0.95 2.88 -18.67
N ILE C 21 1.15 1.77 -17.96
CA ILE C 21 1.43 1.85 -16.53
C ILE C 21 2.79 2.55 -16.35
N GLU C 22 3.77 2.14 -17.16
CA GLU C 22 5.10 2.74 -17.12
C GLU C 22 4.96 4.24 -17.38
N GLY C 23 4.08 4.58 -18.32
CA GLY C 23 3.86 5.98 -18.66
C GLY C 23 3.42 6.83 -17.49
N MET C 24 2.58 6.26 -16.63
CA MET C 24 2.09 6.98 -15.46
C MET C 24 3.18 7.06 -14.38
N GLU C 25 3.93 5.98 -14.20
CA GLU C 25 5.00 5.97 -13.21
C GLU C 25 6.05 7.04 -13.53
N LYS C 26 6.29 7.25 -14.83
CA LYS C 26 7.27 8.24 -15.30
C LYS C 26 6.77 9.67 -15.16
N GLY C 27 5.46 9.83 -15.01
CA GLY C 27 4.90 11.16 -14.89
C GLY C 27 4.31 11.73 -16.18
N MET C 28 4.30 10.93 -17.25
CA MET C 28 3.74 11.38 -18.52
C MET C 28 2.23 11.19 -18.56
N THR C 29 1.82 9.95 -18.37
CA THR C 29 0.43 9.55 -18.41
C THR C 29 -0.36 9.88 -17.17
N ALA C 30 -1.49 10.56 -17.35
CA ALA C 30 -2.33 10.92 -16.23
C ALA C 30 -2.97 9.64 -15.72
N LYS C 31 -3.38 9.64 -14.45
CA LYS C 31 -4.03 8.46 -13.88
C LYS C 31 -5.35 8.22 -14.62
N ALA C 32 -6.04 9.30 -14.99
CA ALA C 32 -7.29 9.18 -15.73
C ALA C 32 -6.97 8.43 -17.01
N GLY C 33 -5.72 8.58 -17.46
CA GLY C 33 -5.27 7.92 -18.67
C GLY C 33 -5.25 6.41 -18.58
N LEU C 34 -5.09 5.87 -17.38
CA LEU C 34 -5.06 4.41 -17.23
C LEU C 34 -6.49 3.89 -17.37
N ILE C 35 -7.44 4.67 -16.87
CA ILE C 35 -8.84 4.30 -16.94
C ILE C 35 -9.27 4.40 -18.41
N ALA C 36 -8.82 5.46 -19.07
CA ALA C 36 -9.14 5.68 -20.48
C ALA C 36 -8.64 4.47 -21.28
N HIS C 37 -7.42 4.03 -20.99
CA HIS C 37 -6.83 2.89 -21.67
C HIS C 37 -7.72 1.65 -21.52
N GLY C 38 -8.34 1.50 -20.35
CA GLY C 38 -9.21 0.36 -20.11
C GLY C 38 -10.47 0.43 -20.96
N ARG C 39 -11.07 1.61 -21.02
CA ARG C 39 -12.26 1.82 -21.82
C ARG C 39 -11.92 1.41 -23.25
N GLY C 40 -10.72 1.79 -23.68
CA GLY C 40 -10.28 1.45 -25.03
C GLY C 40 -10.19 -0.06 -25.20
N GLU C 41 -9.67 -0.74 -24.19
CA GLU C 41 -9.53 -2.19 -24.22
C GLU C 41 -10.87 -2.91 -24.40
N ALA C 42 -11.90 -2.42 -23.71
CA ALA C 42 -13.24 -3.00 -23.79
C ALA C 42 -13.73 -2.98 -25.23
N PHE C 43 -13.70 -1.80 -25.83
CA PHE C 43 -14.14 -1.65 -27.21
C PHE C 43 -13.23 -2.36 -28.19
N ASP C 44 -11.96 -2.55 -27.85
CA ASP C 44 -11.07 -3.25 -28.76
C ASP C 44 -11.48 -4.73 -28.79
N TYR C 45 -12.03 -5.22 -27.68
CA TYR C 45 -12.49 -6.61 -27.64
C TYR C 45 -13.71 -6.76 -28.51
N LEU C 46 -14.61 -5.78 -28.45
CA LEU C 46 -15.83 -5.81 -29.25
C LEU C 46 -15.59 -5.85 -30.75
N ILE C 47 -14.54 -5.18 -31.24
CA ILE C 47 -14.29 -5.18 -32.68
C ILE C 47 -13.32 -6.27 -33.11
N GLY C 48 -12.67 -6.90 -32.14
CA GLY C 48 -11.75 -7.97 -32.47
C GLY C 48 -10.26 -7.65 -32.51
N GLU C 49 -9.85 -6.62 -31.77
CA GLU C 49 -8.44 -6.25 -31.71
C GLU C 49 -7.71 -6.25 -33.05
N ARG C 50 -8.26 -5.55 -34.03
CA ARG C 50 -7.65 -5.46 -35.34
C ARG C 50 -8.18 -4.24 -36.05
N THR C 51 -7.66 -3.99 -37.26
CA THR C 51 -8.09 -2.87 -38.05
C THR C 51 -9.28 -3.35 -38.89
N ILE C 52 -10.48 -2.88 -38.58
CA ILE C 52 -11.64 -3.30 -39.35
C ILE C 52 -11.78 -2.43 -40.59
N GLU C 53 -12.47 -2.95 -41.60
CA GLU C 53 -12.65 -2.19 -42.86
C GLU C 53 -13.11 -0.75 -42.64
N PRO C 54 -14.07 -0.51 -41.73
CA PRO C 54 -14.51 0.88 -41.52
C PRO C 54 -13.38 1.78 -40.97
N ALA C 55 -12.41 1.19 -40.28
CA ALA C 55 -11.28 1.96 -39.72
C ALA C 55 -10.29 2.31 -40.81
N GLU C 56 -10.03 1.35 -41.70
CA GLU C 56 -9.12 1.55 -42.83
C GLU C 56 -9.70 2.64 -43.73
N ARG C 57 -11.02 2.64 -43.83
CA ARG C 57 -11.76 3.59 -44.65
C ARG C 57 -11.56 5.00 -44.09
N ALA C 58 -11.76 5.14 -42.79
CA ALA C 58 -11.58 6.43 -42.14
C ALA C 58 -10.11 6.87 -42.27
N MET C 59 -9.18 5.93 -42.18
CA MET C 59 -7.77 6.30 -42.29
C MET C 59 -7.38 6.84 -43.68
N ARG C 60 -7.98 6.31 -44.74
CA ARG C 60 -7.64 6.82 -46.06
C ARG C 60 -8.11 8.26 -46.18
N ALA C 61 -9.30 8.52 -45.64
CA ALA C 61 -9.89 9.85 -45.69
C ALA C 61 -9.09 10.82 -44.84
N ALA C 62 -8.69 10.39 -43.65
CA ALA C 62 -7.90 11.21 -42.74
C ALA C 62 -6.58 11.58 -43.40
N VAL C 63 -5.89 10.59 -43.94
CA VAL C 63 -4.60 10.84 -44.61
C VAL C 63 -4.78 11.79 -45.80
N ALA C 64 -5.80 11.55 -46.63
CA ALA C 64 -6.03 12.43 -47.76
C ALA C 64 -6.29 13.86 -47.29
N LYS C 65 -7.13 14.00 -46.25
CA LYS C 65 -7.45 15.32 -45.70
C LYS C 65 -6.18 16.00 -45.18
N PHE C 66 -5.29 15.24 -44.56
CA PHE C 66 -4.06 15.82 -44.06
C PHE C 66 -3.13 16.25 -45.20
N LEU C 67 -3.13 15.48 -46.28
CA LEU C 67 -2.29 15.80 -47.43
C LEU C 67 -2.82 17.02 -48.19
N LEU C 68 -4.07 17.38 -47.96
CA LEU C 68 -4.68 18.54 -48.60
C LEU C 68 -4.65 19.78 -47.70
N ALA C 69 -4.34 19.58 -46.42
CA ALA C 69 -4.31 20.69 -45.47
C ALA C 69 -3.19 21.69 -45.73
N GLU C 70 -3.37 22.90 -45.22
CA GLU C 70 -2.38 23.96 -45.37
C GLU C 70 -1.51 24.05 -44.11
N HIS C 71 -2.13 23.83 -42.96
CA HIS C 71 -1.42 23.90 -41.68
C HIS C 71 -1.85 22.75 -40.78
N PRO C 72 -1.46 21.53 -41.14
CA PRO C 72 -1.81 20.33 -40.36
C PRO C 72 -1.06 20.23 -39.02
N VAL C 73 -1.74 19.72 -38.00
CA VAL C 73 -1.15 19.55 -36.70
C VAL C 73 -1.58 18.24 -36.07
N ILE C 74 -0.62 17.51 -35.52
CA ILE C 74 -0.88 16.25 -34.87
C ILE C 74 -0.66 16.49 -33.36
N SER C 75 -1.73 16.30 -32.58
CA SER C 75 -1.67 16.52 -31.15
C SER C 75 -1.21 15.29 -30.38
N VAL C 76 -0.44 15.52 -29.33
CA VAL C 76 0.09 14.43 -28.50
C VAL C 76 -0.32 14.59 -27.04
N ASN C 77 -0.79 13.50 -26.44
CA ASN C 77 -1.16 13.53 -25.04
C ASN C 77 -0.39 12.47 -24.28
N GLY C 78 -0.66 12.38 -22.98
CA GLY C 78 0.01 11.40 -22.15
C GLY C 78 -0.09 9.96 -22.59
N ASN C 79 -1.24 9.58 -23.13
CA ASN C 79 -1.42 8.20 -23.61
C ASN C 79 -0.65 7.95 -24.89
N VAL C 80 -0.66 8.94 -25.78
CA VAL C 80 0.06 8.82 -27.05
C VAL C 80 1.56 8.67 -26.78
N ALA C 81 2.08 9.54 -25.92
CA ALA C 81 3.49 9.55 -25.57
C ALA C 81 3.96 8.21 -25.03
N ALA C 82 3.08 7.52 -24.32
CA ALA C 82 3.42 6.23 -23.75
C ALA C 82 3.27 5.06 -24.72
N LEU C 83 2.33 5.17 -25.67
CA LEU C 83 2.08 4.08 -26.60
C LEU C 83 2.77 4.16 -27.96
N VAL C 84 2.63 5.30 -28.65
CA VAL C 84 3.22 5.43 -29.97
C VAL C 84 4.11 6.67 -30.11
N PRO C 85 5.05 6.87 -29.18
CA PRO C 85 5.94 8.04 -29.25
C PRO C 85 6.69 8.14 -30.57
N LYS C 86 7.23 7.02 -31.04
CA LYS C 86 7.95 7.02 -32.30
C LYS C 86 7.02 7.20 -33.50
N GLU C 87 5.94 6.42 -33.53
CA GLU C 87 4.99 6.49 -34.64
C GLU C 87 4.32 7.86 -34.81
N THR C 88 4.05 8.56 -33.72
CA THR C 88 3.41 9.86 -33.86
C THR C 88 4.37 10.85 -34.51
N ILE C 89 5.67 10.57 -34.40
CA ILE C 89 6.70 11.40 -35.01
C ILE C 89 6.78 11.05 -36.48
N GLU C 90 6.78 9.75 -36.76
CA GLU C 90 6.83 9.26 -38.14
C GLU C 90 5.59 9.77 -38.89
N LEU C 91 4.46 9.80 -38.20
CA LEU C 91 3.22 10.24 -38.81
C LEU C 91 3.24 11.73 -39.14
N ALA C 92 3.79 12.52 -38.22
CA ALA C 92 3.87 13.97 -38.42
C ALA C 92 4.76 14.26 -39.62
N LYS C 93 5.89 13.56 -39.70
CA LYS C 93 6.82 13.75 -40.81
C LYS C 93 6.18 13.33 -42.13
N ALA C 94 5.56 12.15 -42.12
CA ALA C 94 4.93 11.64 -43.33
C ALA C 94 3.77 12.52 -43.82
N LEU C 95 3.12 13.23 -42.89
CA LEU C 95 2.00 14.09 -43.24
C LEU C 95 2.41 15.55 -43.23
N ASN C 96 3.71 15.79 -43.16
CA ASN C 96 4.25 17.14 -43.12
C ASN C 96 3.38 17.99 -42.20
N ALA C 97 3.16 17.50 -40.99
CA ALA C 97 2.34 18.20 -40.01
C ALA C 97 3.19 18.60 -38.80
N LYS C 98 2.80 19.68 -38.14
CA LYS C 98 3.52 20.12 -36.95
C LYS C 98 3.08 19.22 -35.81
N LEU C 99 3.96 19.02 -34.84
CA LEU C 99 3.63 18.17 -33.71
C LEU C 99 3.43 19.05 -32.49
N GLU C 100 2.35 18.82 -31.73
CA GLU C 100 2.08 19.63 -30.55
C GLU C 100 1.57 18.84 -29.35
N ILE C 101 2.16 19.12 -28.19
CA ILE C 101 1.72 18.47 -26.96
C ILE C 101 0.54 19.28 -26.43
N ASN C 102 -0.57 18.61 -26.18
CA ASN C 102 -1.76 19.29 -25.68
C ASN C 102 -2.43 18.37 -24.68
N LEU C 103 -2.39 18.77 -23.42
CA LEU C 103 -2.95 17.97 -22.33
C LEU C 103 -4.29 18.45 -21.78
N PHE C 104 -5.09 17.51 -21.31
CA PHE C 104 -6.38 17.81 -20.72
C PHE C 104 -6.09 18.16 -19.26
N TYR C 105 -5.33 17.28 -18.62
CA TYR C 105 -4.92 17.48 -17.23
C TYR C 105 -3.48 18.00 -17.27
N ARG C 106 -3.33 19.19 -17.86
CA ARG C 106 -2.04 19.81 -18.06
C ARG C 106 -1.27 20.33 -16.83
N THR C 107 0.05 20.21 -16.92
CA THR C 107 0.99 20.68 -15.91
C THR C 107 2.30 20.80 -16.69
N GLU C 108 3.03 21.87 -16.45
CA GLU C 108 4.29 22.07 -17.15
C GLU C 108 5.22 20.89 -16.90
N GLU C 109 5.04 20.25 -15.75
CA GLU C 109 5.84 19.10 -15.39
C GLU C 109 5.60 17.94 -16.37
N ARG C 110 4.33 17.58 -16.57
CA ARG C 110 3.98 16.50 -17.49
C ARG C 110 4.39 16.83 -18.92
N VAL C 111 4.14 18.07 -19.31
CA VAL C 111 4.49 18.54 -20.65
C VAL C 111 5.96 18.27 -20.93
N ARG C 112 6.81 18.65 -19.98
CA ARG C 112 8.26 18.47 -20.12
C ARG C 112 8.66 17.02 -20.29
N THR C 113 8.09 16.15 -19.46
CA THR C 113 8.40 14.73 -19.52
C THR C 113 8.04 14.13 -20.88
N ILE C 114 6.90 14.56 -21.43
CA ILE C 114 6.47 14.08 -22.73
C ILE C 114 7.46 14.54 -23.82
N ALA C 115 7.88 15.80 -23.74
CA ALA C 115 8.83 16.36 -24.71
C ALA C 115 10.11 15.53 -24.74
N GLU C 116 10.62 15.19 -23.55
CA GLU C 116 11.84 14.39 -23.46
C GLU C 116 11.65 13.00 -24.06
N GLU C 117 10.49 12.40 -23.81
CA GLU C 117 10.19 11.07 -24.33
C GLU C 117 10.24 11.07 -25.86
N LEU C 118 9.71 12.13 -26.46
CA LEU C 118 9.71 12.25 -27.92
C LEU C 118 11.12 12.50 -28.45
N ARG C 119 11.86 13.36 -27.76
CA ARG C 119 13.23 13.68 -28.17
C ARG C 119 14.15 12.46 -28.17
N LYS C 120 13.77 11.44 -27.43
CA LYS C 120 14.58 10.22 -27.39
C LYS C 120 14.63 9.61 -28.78
N TYR C 121 13.54 9.77 -29.52
CA TYR C 121 13.43 9.21 -30.87
C TYR C 121 13.87 10.18 -31.95
N ASP C 122 13.73 11.47 -31.68
CA ASP C 122 14.12 12.49 -32.63
C ASP C 122 14.59 13.68 -31.81
N PRO C 123 15.85 13.64 -31.37
CA PRO C 123 16.49 14.69 -30.57
C PRO C 123 16.26 16.12 -31.08
N GLU C 124 16.02 16.24 -32.39
CA GLU C 124 15.83 17.54 -32.98
C GLU C 124 14.49 17.72 -33.69
N ILE C 125 13.42 17.24 -33.06
CA ILE C 125 12.08 17.37 -33.64
C ILE C 125 11.41 18.57 -32.99
N GLU C 126 10.88 19.49 -33.81
CA GLU C 126 10.21 20.67 -33.25
C GLU C 126 8.98 20.22 -32.48
N ILE C 127 8.74 20.83 -31.32
CA ILE C 127 7.61 20.47 -30.48
C ILE C 127 6.91 21.71 -29.97
N LEU C 128 5.65 21.89 -30.35
CA LEU C 128 4.87 23.04 -29.91
C LEU C 128 4.09 22.70 -28.64
N GLY C 129 3.33 23.68 -28.14
CA GLY C 129 2.51 23.46 -26.95
C GLY C 129 3.24 23.50 -25.61
N ILE C 130 4.54 23.78 -25.63
CA ILE C 130 5.31 23.85 -24.38
C ILE C 130 5.03 25.15 -23.63
N ASN C 131 4.82 26.22 -24.37
CA ASN C 131 4.52 27.53 -23.80
C ASN C 131 3.34 28.13 -24.54
N PRO C 132 2.20 27.42 -24.57
CA PRO C 132 1.00 27.90 -25.25
C PRO C 132 0.56 29.28 -24.77
N THR C 133 0.33 30.19 -25.71
CA THR C 133 -0.07 31.54 -25.38
C THR C 133 -1.47 31.89 -25.87
N LYS C 134 -2.14 30.92 -26.50
CA LYS C 134 -3.48 31.12 -27.01
C LYS C 134 -4.46 30.18 -26.31
N ARG C 135 -5.71 30.59 -26.19
CA ARG C 135 -6.71 29.77 -25.52
C ARG C 135 -7.85 29.33 -26.43
N ILE C 136 -8.39 28.15 -26.15
CA ILE C 136 -9.51 27.59 -26.91
C ILE C 136 -10.81 28.21 -26.42
N PRO C 137 -11.41 29.10 -27.23
CA PRO C 137 -12.67 29.73 -26.80
C PRO C 137 -13.71 28.72 -26.36
N GLY C 138 -14.15 28.83 -25.11
CA GLY C 138 -15.16 27.92 -24.60
C GLY C 138 -14.73 27.08 -23.41
N LEU C 139 -13.42 26.97 -23.19
CA LEU C 139 -12.90 26.18 -22.08
C LEU C 139 -12.19 27.07 -21.05
N ARG C 143 -8.02 27.46 -18.62
CA ARG C 143 -8.36 26.05 -18.79
C ARG C 143 -8.46 25.66 -20.27
N GLY C 144 -7.37 25.14 -20.82
CA GLY C 144 -7.35 24.74 -22.22
C GLY C 144 -6.60 25.71 -23.11
N LYS C 145 -5.28 25.58 -23.14
CA LYS C 145 -4.45 26.46 -23.96
C LYS C 145 -3.82 25.75 -25.16
N VAL C 146 -3.48 26.52 -26.18
CA VAL C 146 -2.87 25.98 -27.39
C VAL C 146 -1.74 26.86 -27.92
N ASP C 147 -0.83 26.27 -28.69
CA ASP C 147 0.30 26.98 -29.26
C ASP C 147 -0.11 27.81 -30.48
N GLU C 148 0.13 29.11 -30.43
CA GLU C 148 -0.21 30.05 -31.50
C GLU C 148 0.26 29.62 -32.88
N ASN C 149 1.44 29.00 -32.95
CA ASN C 149 2.00 28.54 -34.21
C ASN C 149 1.57 27.12 -34.52
N GLY C 150 0.72 26.56 -33.66
CA GLY C 150 0.26 25.20 -33.86
C GLY C 150 -1.24 25.12 -34.06
N ILE C 151 -1.91 24.41 -33.15
CA ILE C 151 -3.35 24.24 -33.23
C ILE C 151 -4.09 25.55 -33.45
N TRP C 152 -3.59 26.63 -32.86
CA TRP C 152 -4.25 27.92 -33.01
C TRP C 152 -4.41 28.32 -34.48
N LYS C 153 -3.40 27.99 -35.30
CA LYS C 153 -3.45 28.34 -36.71
C LYS C 153 -3.67 27.16 -37.64
N ALA C 154 -4.00 26.01 -37.07
CA ALA C 154 -4.21 24.80 -37.85
C ALA C 154 -5.59 24.74 -38.51
N ASP C 155 -5.64 24.14 -39.70
CA ASP C 155 -6.92 23.98 -40.38
C ASP C 155 -7.40 22.54 -40.16
N VAL C 156 -6.46 21.60 -40.13
CA VAL C 156 -6.78 20.19 -39.88
C VAL C 156 -5.99 19.71 -38.65
N VAL C 157 -6.70 19.11 -37.70
CA VAL C 157 -6.07 18.67 -36.47
C VAL C 157 -6.40 17.22 -36.07
N LEU C 158 -5.36 16.48 -35.68
CA LEU C 158 -5.54 15.10 -35.26
C LEU C 158 -5.43 15.05 -33.73
N VAL C 159 -6.56 14.86 -33.05
CA VAL C 159 -6.56 14.76 -31.60
C VAL C 159 -7.07 13.40 -31.16
N PRO C 160 -6.17 12.43 -31.03
CA PRO C 160 -6.49 11.06 -30.62
C PRO C 160 -6.76 10.92 -29.13
N LEU C 161 -7.53 9.89 -28.76
CA LEU C 161 -7.85 9.63 -27.37
C LEU C 161 -8.12 10.93 -26.63
N GLU C 162 -9.06 11.70 -27.16
CA GLU C 162 -9.40 13.01 -26.62
C GLU C 162 -10.73 13.08 -25.88
N ASP C 163 -10.82 14.02 -24.94
CA ASP C 163 -12.06 14.19 -24.21
C ASP C 163 -13.02 14.88 -25.18
N GLY C 164 -14.22 14.33 -25.30
CA GLY C 164 -15.22 14.90 -26.21
C GLY C 164 -15.41 16.40 -26.14
N ASP C 165 -15.47 16.94 -24.94
CA ASP C 165 -15.67 18.37 -24.77
C ASP C 165 -14.63 19.19 -25.51
N ARG C 166 -13.37 18.73 -25.48
CA ARG C 166 -12.31 19.43 -26.17
C ARG C 166 -12.44 19.23 -27.69
N THR C 167 -12.83 18.02 -28.11
CA THR C 167 -13.00 17.74 -29.53
C THR C 167 -14.10 18.65 -30.08
N GLU C 168 -15.16 18.82 -29.29
CA GLU C 168 -16.28 19.66 -29.68
C GLU C 168 -15.86 21.13 -29.73
N ALA C 169 -15.01 21.54 -28.79
CA ALA C 169 -14.56 22.93 -28.76
C ALA C 169 -13.67 23.24 -29.97
N LEU C 170 -12.83 22.27 -30.34
CA LEU C 170 -11.95 22.45 -31.49
C LEU C 170 -12.77 22.58 -32.78
N VAL C 171 -13.90 21.87 -32.83
CA VAL C 171 -14.77 21.94 -34.00
C VAL C 171 -15.46 23.30 -34.02
N ARG C 172 -15.95 23.74 -32.86
CA ARG C 172 -16.63 25.03 -32.78
C ARG C 172 -15.66 26.16 -33.08
N MET C 173 -14.38 25.91 -32.83
CA MET C 173 -13.35 26.92 -33.10
C MET C 173 -13.13 27.05 -34.61
N GLY C 174 -13.71 26.11 -35.38
CA GLY C 174 -13.58 26.14 -36.82
C GLY C 174 -12.50 25.22 -37.37
N LYS C 175 -12.01 24.30 -36.54
CA LYS C 175 -10.98 23.36 -36.97
C LYS C 175 -11.61 22.09 -37.53
N PHE C 176 -10.97 21.48 -38.53
CA PHE C 176 -11.48 20.23 -39.08
C PHE C 176 -10.81 19.20 -38.18
N VAL C 177 -11.60 18.43 -37.45
CA VAL C 177 -11.06 17.47 -36.50
C VAL C 177 -11.07 16.00 -36.89
N VAL C 178 -9.91 15.38 -36.73
CA VAL C 178 -9.72 13.97 -37.01
C VAL C 178 -9.30 13.35 -35.68
N THR C 179 -9.88 12.22 -35.33
CA THR C 179 -9.51 11.57 -34.09
C THR C 179 -9.44 10.06 -34.24
N VAL C 180 -8.70 9.45 -33.33
CA VAL C 180 -8.58 8.01 -33.28
C VAL C 180 -9.20 7.71 -31.92
N ASP C 181 -10.27 6.94 -31.92
CA ASP C 181 -10.97 6.62 -30.68
C ASP C 181 -11.67 5.28 -30.84
N LEU C 182 -11.28 4.32 -30.00
CA LEU C 182 -11.85 2.97 -30.03
C LEU C 182 -13.34 2.93 -29.69
N ASN C 183 -13.84 3.94 -28.99
CA ASN C 183 -15.25 4.00 -28.62
C ASN C 183 -16.03 4.85 -29.62
N PRO C 184 -16.74 4.20 -30.54
CA PRO C 184 -17.54 4.86 -31.58
C PRO C 184 -18.73 5.65 -31.04
N LEU C 185 -19.02 5.47 -29.76
CA LEU C 185 -20.14 6.15 -29.12
C LEU C 185 -19.73 7.35 -28.28
N SER C 186 -18.43 7.51 -28.04
CA SER C 186 -17.94 8.62 -27.22
C SER C 186 -18.34 9.95 -27.84
N ARG C 187 -18.36 11.00 -27.03
CA ARG C 187 -18.71 12.33 -27.52
C ARG C 187 -17.68 12.75 -28.56
N SER C 188 -16.42 12.43 -28.30
CA SER C 188 -15.34 12.78 -29.20
C SER C 188 -15.58 12.13 -30.57
N ALA C 189 -15.86 10.84 -30.55
CA ALA C 189 -16.10 10.07 -31.77
C ALA C 189 -17.31 10.61 -32.53
N ARG C 190 -18.31 11.07 -31.80
CA ARG C 190 -19.52 11.61 -32.40
C ARG C 190 -19.35 13.03 -32.96
N MET C 191 -18.46 13.81 -32.36
CA MET C 191 -18.26 15.19 -32.81
C MET C 191 -17.15 15.42 -33.84
N ALA C 192 -16.19 14.50 -33.93
CA ALA C 192 -15.09 14.64 -34.88
C ALA C 192 -15.58 14.56 -36.32
N ASP C 193 -14.84 15.21 -37.23
CA ASP C 193 -15.20 15.19 -38.66
C ASP C 193 -14.85 13.82 -39.27
N ILE C 194 -13.78 13.21 -38.78
CA ILE C 194 -13.36 11.88 -39.23
C ILE C 194 -12.97 11.09 -37.99
N THR C 195 -13.61 9.94 -37.79
CA THR C 195 -13.35 9.11 -36.64
C THR C 195 -12.77 7.76 -37.01
N ILE C 196 -11.57 7.48 -36.53
CA ILE C 196 -10.91 6.20 -36.81
C ILE C 196 -11.12 5.30 -35.60
N VAL C 197 -12.00 4.31 -35.76
CA VAL C 197 -12.30 3.39 -34.68
C VAL C 197 -11.33 2.21 -34.76
N ASP C 198 -10.13 2.44 -34.25
CA ASP C 198 -9.07 1.45 -34.29
C ASP C 198 -8.13 1.78 -33.14
N ASN C 199 -7.40 0.78 -32.64
CA ASN C 199 -6.45 1.04 -31.56
C ASN C 199 -5.34 1.94 -32.13
N ILE C 200 -4.93 2.96 -31.39
CA ILE C 200 -3.90 3.85 -31.89
C ILE C 200 -2.58 3.14 -32.21
N VAL C 201 -2.32 1.99 -31.59
CA VAL C 201 -1.07 1.25 -31.85
C VAL C 201 -1.09 0.59 -33.22
N ARG C 202 -2.29 0.44 -33.78
CA ARG C 202 -2.39 -0.18 -35.11
C ARG C 202 -2.66 0.91 -36.13
N ALA C 203 -3.45 1.91 -35.75
CA ALA C 203 -3.82 2.99 -36.65
C ALA C 203 -2.65 3.85 -37.12
N TYR C 204 -1.81 4.26 -36.18
CA TYR C 204 -0.68 5.10 -36.55
C TYR C 204 0.27 4.45 -37.56
N PRO C 205 0.73 3.22 -37.29
CA PRO C 205 1.63 2.68 -38.32
C PRO C 205 0.93 2.54 -39.68
N ARG C 206 -0.37 2.21 -39.66
CA ARG C 206 -1.12 2.05 -40.91
C ARG C 206 -1.24 3.39 -41.64
N MET C 207 -1.49 4.46 -40.89
CA MET C 207 -1.61 5.78 -41.50
C MET C 207 -0.27 6.24 -42.07
N VAL C 208 0.83 5.80 -41.45
CA VAL C 208 2.17 6.14 -41.93
C VAL C 208 2.34 5.50 -43.30
N GLU C 209 2.03 4.21 -43.39
CA GLU C 209 2.13 3.49 -44.66
C GLU C 209 1.23 4.11 -45.72
N LEU C 210 -0.01 4.43 -45.35
CA LEU C 210 -0.95 5.05 -46.27
C LEU C 210 -0.39 6.38 -46.77
N ALA C 211 0.14 7.19 -45.86
CA ALA C 211 0.71 8.50 -46.26
C ALA C 211 1.79 8.27 -47.30
N ARG C 212 2.60 7.23 -47.09
CA ARG C 212 3.67 6.91 -48.01
C ARG C 212 3.09 6.52 -49.39
N GLU C 213 2.08 5.65 -49.38
CA GLU C 213 1.46 5.19 -50.61
C GLU C 213 0.68 6.28 -51.34
N MET C 214 0.28 7.31 -50.61
CA MET C 214 -0.51 8.39 -51.19
C MET C 214 0.25 9.71 -51.40
N LYS C 215 1.54 9.74 -51.06
CA LYS C 215 2.30 10.98 -51.19
C LYS C 215 2.24 11.62 -52.58
N ASP C 216 2.09 10.81 -53.63
CA ASP C 216 2.03 11.35 -54.98
C ASP C 216 0.64 11.46 -55.60
N TYR C 217 -0.40 11.29 -54.78
CA TYR C 217 -1.77 11.42 -55.25
C TYR C 217 -1.98 12.89 -55.61
N SER C 218 -2.71 13.14 -56.69
CA SER C 218 -2.99 14.51 -57.10
C SER C 218 -4.08 15.08 -56.19
N ARG C 219 -4.29 16.38 -56.31
CA ARG C 219 -5.31 17.05 -55.51
C ARG C 219 -6.69 16.43 -55.77
N GLU C 220 -6.97 16.13 -57.04
CA GLU C 220 -8.27 15.55 -57.40
C GLU C 220 -8.46 14.16 -56.78
N GLU C 221 -7.39 13.39 -56.71
CA GLU C 221 -7.50 12.06 -56.12
C GLU C 221 -7.81 12.20 -54.64
N LEU C 222 -7.06 13.05 -53.94
CA LEU C 222 -7.30 13.25 -52.53
C LEU C 222 -8.73 13.77 -52.28
N LEU C 223 -9.18 14.71 -53.10
CA LEU C 223 -10.53 15.26 -52.95
C LEU C 223 -11.60 14.20 -53.24
N LYS C 224 -11.29 13.27 -54.13
CA LYS C 224 -12.24 12.21 -54.46
C LYS C 224 -12.50 11.36 -53.22
N ILE C 225 -11.43 11.04 -52.48
CA ILE C 225 -11.56 10.23 -51.27
C ILE C 225 -12.33 11.00 -50.19
N VAL C 226 -11.94 12.26 -49.95
CA VAL C 226 -12.63 13.05 -48.93
C VAL C 226 -14.09 13.35 -49.28
N GLY C 227 -14.36 13.78 -50.50
CA GLY C 227 -15.73 14.09 -50.88
C GLY C 227 -16.66 12.91 -50.78
N GLU C 228 -16.11 11.72 -50.92
CA GLU C 228 -16.89 10.48 -50.87
C GLU C 228 -17.03 9.90 -49.46
N TYR C 229 -16.27 10.45 -48.51
CA TYR C 229 -16.31 9.95 -47.14
C TYR C 229 -17.45 10.51 -46.30
N ASP C 230 -18.17 9.61 -45.64
CA ASP C 230 -19.30 9.96 -44.79
C ASP C 230 -18.95 9.39 -43.41
N ASN C 231 -18.54 10.26 -42.48
CA ASN C 231 -18.16 9.81 -41.15
C ASN C 231 -19.33 9.15 -40.43
N GLY C 232 -20.52 9.68 -40.65
CA GLY C 232 -21.72 9.13 -40.02
C GLY C 232 -21.98 7.70 -40.45
N LYS C 233 -21.93 7.45 -41.76
CA LYS C 233 -22.17 6.12 -42.28
C LYS C 233 -21.06 5.18 -41.81
N THR C 234 -19.86 5.72 -41.66
CA THR C 234 -18.73 4.93 -41.19
C THR C 234 -18.96 4.50 -39.74
N LEU C 235 -19.44 5.42 -38.91
CA LEU C 235 -19.70 5.11 -37.52
C LEU C 235 -20.81 4.06 -37.43
N SER C 236 -21.76 4.10 -38.35
CA SER C 236 -22.86 3.13 -38.36
C SER C 236 -22.33 1.75 -38.71
N ASP C 237 -21.44 1.69 -39.69
CA ASP C 237 -20.86 0.42 -40.11
C ASP C 237 -20.06 -0.17 -38.95
N VAL C 238 -19.41 0.69 -38.17
CA VAL C 238 -18.64 0.18 -37.03
C VAL C 238 -19.61 -0.47 -36.04
N LEU C 239 -20.71 0.19 -35.72
CA LEU C 239 -21.70 -0.38 -34.80
C LEU C 239 -22.29 -1.66 -35.37
N LEU C 240 -22.61 -1.64 -36.66
CA LEU C 240 -23.17 -2.81 -37.31
C LEU C 240 -22.13 -3.94 -37.21
N HIS C 241 -20.87 -3.61 -37.42
CA HIS C 241 -19.82 -4.63 -37.33
C HIS C 241 -19.89 -5.25 -35.93
N ILE C 242 -20.02 -4.40 -34.93
CA ILE C 242 -20.09 -4.84 -33.55
C ILE C 242 -21.36 -5.64 -33.28
N ARG C 243 -22.48 -5.19 -33.82
CA ARG C 243 -23.73 -5.91 -33.61
C ARG C 243 -23.69 -7.28 -34.25
N ASP C 244 -23.16 -7.36 -35.47
CA ASP C 244 -23.05 -8.64 -36.17
C ASP C 244 -22.18 -9.59 -35.38
N ARG C 245 -21.07 -9.09 -34.86
CA ARG C 245 -20.17 -9.94 -34.08
C ARG C 245 -20.86 -10.40 -32.79
N LEU C 246 -21.54 -9.49 -32.11
CA LEU C 246 -22.24 -9.85 -30.88
C LEU C 246 -23.30 -10.90 -31.18
N THR C 247 -23.94 -10.79 -32.35
CA THR C 247 -24.96 -11.74 -32.72
C THR C 247 -24.34 -13.11 -32.89
N ARG C 248 -23.24 -13.19 -33.63
CA ARG C 248 -22.59 -14.49 -33.83
C ARG C 248 -22.13 -15.10 -32.52
N LEU C 249 -21.51 -14.30 -31.65
CA LEU C 249 -21.03 -14.82 -30.38
C LEU C 249 -22.17 -15.31 -29.52
N ALA C 250 -23.26 -14.55 -29.47
CA ALA C 250 -24.42 -14.91 -28.68
C ALA C 250 -25.04 -16.24 -29.12
N GLU C 251 -25.20 -16.45 -30.42
CA GLU C 251 -25.83 -17.68 -30.88
C GLU C 251 -24.86 -18.85 -30.83
N GLU C 252 -23.58 -18.55 -30.90
CA GLU C 252 -22.54 -19.56 -30.85
C GLU C 252 -22.39 -20.07 -29.42
N GLY C 253 -22.63 -19.17 -28.46
CA GLY C 253 -22.48 -19.54 -27.07
C GLY C 253 -21.03 -19.30 -26.70
N ILE C 254 -20.77 -18.70 -25.54
CA ILE C 254 -19.40 -18.43 -25.15
C ILE C 254 -19.03 -19.04 -23.81
N TRP C 255 -20.00 -19.64 -23.12
CA TRP C 255 -19.73 -20.23 -21.82
C TRP C 255 -18.74 -21.39 -21.90
N ARG C 256 -17.73 -21.32 -21.03
CA ARG C 256 -16.68 -22.34 -20.96
C ARG C 256 -15.99 -22.53 -22.32
N ARG C 257 -15.84 -21.43 -23.05
CA ARG C 257 -15.18 -21.49 -24.35
C ARG C 257 -13.75 -20.98 -24.19
N LYS C 258 -12.78 -21.86 -24.43
CA LYS C 258 -11.37 -21.49 -24.33
C LYS C 258 -11.11 -20.35 -25.29
N ARG D 10 -24.19 9.81 -14.34
CA ARG D 10 -22.76 10.11 -14.63
C ARG D 10 -22.03 10.54 -13.37
N TYR D 11 -22.74 11.25 -12.49
CA TYR D 11 -22.16 11.71 -11.24
C TYR D 11 -21.49 10.56 -10.53
N TRP D 12 -22.19 9.42 -10.48
CA TRP D 12 -21.67 8.23 -9.83
C TRP D 12 -20.49 7.64 -10.57
N SER D 13 -20.44 7.86 -11.88
CA SER D 13 -19.35 7.35 -12.69
C SER D 13 -18.07 8.06 -12.30
N LEU D 14 -18.15 9.38 -12.14
CA LEU D 14 -17.00 10.18 -11.75
C LEU D 14 -16.68 9.88 -10.30
N TYR D 15 -17.73 9.75 -9.49
CA TYR D 15 -17.58 9.47 -8.07
C TYR D 15 -16.74 8.21 -7.83
N TYR D 16 -17.07 7.13 -8.53
CA TYR D 16 -16.36 5.87 -8.37
C TYR D 16 -15.00 5.87 -9.04
N ARG D 17 -14.84 6.74 -10.02
CA ARG D 17 -13.58 6.87 -10.73
C ARG D 17 -12.57 7.45 -9.73
N GLU D 18 -13.04 8.42 -8.94
CA GLU D 18 -12.20 9.04 -7.94
C GLU D 18 -11.89 8.07 -6.81
N LYS D 19 -12.80 7.11 -6.58
CA LYS D 19 -12.61 6.14 -5.52
C LYS D 19 -11.60 5.07 -5.88
N ILE D 20 -11.58 4.67 -7.15
CA ILE D 20 -10.64 3.66 -7.60
C ILE D 20 -9.23 4.25 -7.61
N ILE D 21 -9.15 5.54 -7.93
CA ILE D 21 -7.88 6.25 -7.97
C ILE D 21 -7.36 6.44 -6.55
N GLU D 22 -8.23 6.88 -5.64
CA GLU D 22 -7.86 7.07 -4.24
C GLU D 22 -7.33 5.75 -3.67
N GLY D 23 -8.00 4.66 -4.03
CA GLY D 23 -7.61 3.35 -3.54
C GLY D 23 -6.21 2.96 -3.97
N MET D 24 -5.85 3.41 -5.16
CA MET D 24 -4.53 3.12 -5.69
C MET D 24 -3.54 4.02 -4.96
N GLU D 25 -3.92 5.28 -4.74
CA GLU D 25 -3.07 6.24 -4.07
C GLU D 25 -2.88 5.97 -2.58
N LYS D 26 -3.67 5.04 -2.03
CA LYS D 26 -3.57 4.68 -0.63
C LYS D 26 -2.93 3.32 -0.44
N GLY D 27 -2.57 2.70 -1.57
CA GLY D 27 -1.90 1.40 -1.53
C GLY D 27 -2.78 0.16 -1.57
N MET D 28 -4.07 0.33 -1.80
CA MET D 28 -4.97 -0.82 -1.86
C MET D 28 -5.10 -1.44 -3.24
N THR D 29 -5.49 -0.65 -4.22
CA THR D 29 -5.69 -1.19 -5.56
C THR D 29 -4.50 -1.05 -6.50
N ALA D 30 -4.21 -2.14 -7.21
CA ALA D 30 -3.11 -2.18 -8.16
C ALA D 30 -3.34 -1.19 -9.29
N LYS D 31 -2.24 -0.69 -9.85
CA LYS D 31 -2.31 0.25 -10.95
C LYS D 31 -3.11 -0.37 -12.11
N ALA D 32 -2.95 -1.67 -12.30
CA ALA D 32 -3.67 -2.38 -13.36
C ALA D 32 -5.16 -2.37 -13.01
N GLY D 33 -5.46 -2.07 -11.75
CA GLY D 33 -6.84 -2.02 -11.31
C GLY D 33 -7.55 -0.84 -11.91
N LEU D 34 -6.81 0.24 -12.13
CA LEU D 34 -7.37 1.44 -12.73
C LEU D 34 -7.80 1.12 -14.16
N ILE D 35 -6.96 0.34 -14.85
CA ILE D 35 -7.24 -0.04 -16.22
C ILE D 35 -8.48 -0.92 -16.26
N ALA D 36 -8.51 -1.93 -15.40
CA ALA D 36 -9.65 -2.83 -15.34
C ALA D 36 -10.92 -2.01 -15.10
N HIS D 37 -10.78 -0.99 -14.26
CA HIS D 37 -11.92 -0.13 -13.95
C HIS D 37 -12.49 0.49 -15.22
N GLY D 38 -11.61 1.10 -16.02
CA GLY D 38 -12.05 1.74 -17.25
C GLY D 38 -12.72 0.74 -18.17
N ARG D 39 -12.21 -0.48 -18.18
CA ARG D 39 -12.78 -1.54 -19.00
C ARG D 39 -14.20 -1.82 -18.49
N GLY D 40 -14.39 -1.62 -17.19
CA GLY D 40 -15.70 -1.86 -16.61
C GLY D 40 -16.66 -0.75 -16.96
N GLU D 41 -16.16 0.48 -16.90
CA GLU D 41 -16.97 1.66 -17.22
C GLU D 41 -17.55 1.55 -18.64
N ALA D 42 -16.74 1.05 -19.57
CA ALA D 42 -17.16 0.92 -20.96
C ALA D 42 -18.36 -0.01 -21.09
N PHE D 43 -18.21 -1.22 -20.56
CA PHE D 43 -19.29 -2.19 -20.61
C PHE D 43 -20.50 -1.74 -19.80
N ASP D 44 -20.26 -0.96 -18.76
CA ASP D 44 -21.36 -0.48 -17.93
C ASP D 44 -22.18 0.46 -18.82
N TYR D 45 -21.50 1.25 -19.65
CA TYR D 45 -22.23 2.14 -20.54
C TYR D 45 -22.99 1.32 -21.59
N LEU D 46 -22.37 0.24 -22.05
CA LEU D 46 -22.98 -0.61 -23.06
C LEU D 46 -24.25 -1.36 -22.60
N ILE D 47 -24.31 -1.72 -21.31
CA ILE D 47 -25.51 -2.41 -20.83
C ILE D 47 -26.54 -1.40 -20.35
N GLY D 48 -26.09 -0.18 -20.08
CA GLY D 48 -27.01 0.85 -19.63
C GLY D 48 -26.80 1.40 -18.22
N GLU D 49 -25.65 1.07 -17.61
CA GLU D 49 -25.32 1.53 -16.27
C GLU D 49 -26.43 1.29 -15.24
N ARG D 50 -26.89 0.05 -15.19
CA ARG D 50 -27.94 -0.35 -14.26
C ARG D 50 -27.90 -1.86 -14.18
N THR D 51 -28.76 -2.42 -13.34
CA THR D 51 -28.86 -3.86 -13.19
C THR D 51 -29.85 -4.33 -14.24
N ILE D 52 -29.36 -5.03 -15.26
CA ILE D 52 -30.22 -5.53 -16.31
C ILE D 52 -30.82 -6.86 -15.89
N GLU D 53 -31.89 -7.28 -16.55
CA GLU D 53 -32.59 -8.52 -16.21
C GLU D 53 -31.67 -9.75 -16.11
N PRO D 54 -30.80 -9.98 -17.11
CA PRO D 54 -29.90 -11.14 -17.06
C PRO D 54 -28.98 -11.09 -15.82
N ALA D 55 -28.72 -9.88 -15.32
CA ALA D 55 -27.87 -9.72 -14.16
C ALA D 55 -28.66 -10.04 -12.88
N GLU D 56 -29.90 -9.57 -12.81
CA GLU D 56 -30.75 -9.83 -11.64
C GLU D 56 -30.99 -11.33 -11.59
N ARG D 57 -31.09 -11.93 -12.76
CA ARG D 57 -31.31 -13.36 -12.90
C ARG D 57 -30.16 -14.15 -12.32
N ALA D 58 -28.94 -13.76 -12.66
CA ALA D 58 -27.76 -14.44 -12.16
C ALA D 58 -27.65 -14.19 -10.65
N MET D 59 -28.02 -13.01 -10.19
CA MET D 59 -27.93 -12.73 -8.77
C MET D 59 -28.85 -13.58 -7.92
N ARG D 60 -30.06 -13.87 -8.40
CA ARG D 60 -30.98 -14.73 -7.65
C ARG D 60 -30.34 -16.11 -7.51
N ALA D 61 -29.76 -16.60 -8.60
CA ALA D 61 -29.13 -17.91 -8.60
C ALA D 61 -27.90 -17.93 -7.70
N ALA D 62 -27.13 -16.85 -7.71
CA ALA D 62 -25.93 -16.76 -6.89
C ALA D 62 -26.30 -16.78 -5.41
N VAL D 63 -27.30 -15.98 -5.05
CA VAL D 63 -27.71 -15.92 -3.67
C VAL D 63 -28.23 -17.27 -3.21
N ALA D 64 -29.04 -17.91 -4.04
CA ALA D 64 -29.59 -19.22 -3.71
C ALA D 64 -28.44 -20.20 -3.48
N LYS D 65 -27.50 -20.24 -4.41
CA LYS D 65 -26.35 -21.13 -4.32
C LYS D 65 -25.57 -20.92 -3.01
N PHE D 66 -25.40 -19.66 -2.62
CA PHE D 66 -24.69 -19.33 -1.40
C PHE D 66 -25.44 -19.77 -0.15
N LEU D 67 -26.75 -19.60 -0.14
CA LEU D 67 -27.54 -20.00 1.02
C LEU D 67 -27.52 -21.53 1.14
N LEU D 68 -27.24 -22.21 0.03
CA LEU D 68 -27.18 -23.67 0.01
C LEU D 68 -25.78 -24.22 0.25
N ALA D 69 -24.77 -23.35 0.24
CA ALA D 69 -23.39 -23.77 0.43
C ALA D 69 -23.05 -24.21 1.85
N GLU D 70 -22.00 -25.02 1.99
CA GLU D 70 -21.57 -25.49 3.30
C GLU D 70 -20.39 -24.67 3.77
N HIS D 71 -19.49 -24.34 2.84
CA HIS D 71 -18.32 -23.55 3.17
C HIS D 71 -18.12 -22.42 2.15
N PRO D 72 -19.07 -21.49 2.09
CA PRO D 72 -19.02 -20.34 1.18
C PRO D 72 -17.95 -19.31 1.54
N VAL D 73 -17.30 -18.75 0.53
CA VAL D 73 -16.26 -17.75 0.74
C VAL D 73 -16.34 -16.61 -0.27
N ILE D 74 -16.17 -15.38 0.21
CA ILE D 74 -16.20 -14.22 -0.66
C ILE D 74 -14.80 -13.60 -0.71
N SER D 75 -14.22 -13.58 -1.91
CA SER D 75 -12.88 -13.05 -2.12
C SER D 75 -12.89 -11.54 -2.27
N VAL D 76 -11.87 -10.89 -1.72
CA VAL D 76 -11.73 -9.45 -1.78
C VAL D 76 -10.41 -9.06 -2.43
N ASN D 77 -10.47 -8.17 -3.42
CA ASN D 77 -9.25 -7.71 -4.05
C ASN D 77 -9.15 -6.20 -3.95
N GLY D 78 -8.13 -5.63 -4.58
CA GLY D 78 -7.92 -4.19 -4.51
C GLY D 78 -9.05 -3.31 -5.04
N ASN D 79 -9.80 -3.78 -6.02
CA ASN D 79 -10.88 -2.96 -6.55
C ASN D 79 -12.06 -3.01 -5.60
N VAL D 80 -12.34 -4.21 -5.09
CA VAL D 80 -13.43 -4.37 -4.13
C VAL D 80 -13.15 -3.49 -2.93
N ALA D 81 -11.91 -3.53 -2.45
CA ALA D 81 -11.49 -2.74 -1.30
C ALA D 81 -11.72 -1.24 -1.49
N ALA D 82 -11.56 -0.79 -2.74
CA ALA D 82 -11.73 0.63 -3.07
C ALA D 82 -13.17 1.07 -3.31
N LEU D 83 -13.97 0.20 -3.92
CA LEU D 83 -15.36 0.53 -4.25
C LEU D 83 -16.42 0.12 -3.23
N VAL D 84 -16.38 -1.13 -2.79
CA VAL D 84 -17.39 -1.64 -1.88
C VAL D 84 -16.87 -2.32 -0.60
N PRO D 85 -16.02 -1.64 0.17
CA PRO D 85 -15.49 -2.26 1.41
C PRO D 85 -16.59 -2.60 2.42
N LYS D 86 -17.48 -1.66 2.67
CA LYS D 86 -18.55 -1.89 3.63
C LYS D 86 -19.56 -2.91 3.08
N GLU D 87 -19.84 -2.81 1.79
CA GLU D 87 -20.80 -3.70 1.17
C GLU D 87 -20.34 -5.17 1.09
N THR D 88 -19.05 -5.40 0.86
CA THR D 88 -18.55 -6.77 0.79
C THR D 88 -18.63 -7.43 2.16
N ILE D 89 -18.60 -6.62 3.22
CA ILE D 89 -18.70 -7.15 4.57
C ILE D 89 -20.17 -7.48 4.83
N GLU D 90 -21.05 -6.53 4.52
CA GLU D 90 -22.48 -6.73 4.71
C GLU D 90 -22.90 -7.98 3.95
N LEU D 91 -22.32 -8.17 2.76
CA LEU D 91 -22.65 -9.32 1.93
C LEU D 91 -22.14 -10.64 2.51
N ALA D 92 -20.94 -10.62 3.08
CA ALA D 92 -20.38 -11.83 3.69
C ALA D 92 -21.29 -12.28 4.85
N LYS D 93 -21.67 -11.32 5.69
CA LYS D 93 -22.55 -11.63 6.81
C LYS D 93 -23.90 -12.13 6.29
N ALA D 94 -24.49 -11.39 5.36
CA ALA D 94 -25.79 -11.76 4.80
C ALA D 94 -25.83 -13.16 4.20
N LEU D 95 -24.67 -13.63 3.72
CA LEU D 95 -24.59 -14.94 3.11
C LEU D 95 -23.89 -15.95 4.01
N ASN D 96 -23.61 -15.54 5.24
CA ASN D 96 -22.94 -16.40 6.22
C ASN D 96 -21.67 -16.97 5.58
N ALA D 97 -20.87 -16.09 4.99
CA ALA D 97 -19.64 -16.51 4.33
C ALA D 97 -18.42 -15.81 4.91
N LYS D 98 -17.26 -16.40 4.69
CA LYS D 98 -16.02 -15.83 5.18
C LYS D 98 -15.44 -14.88 4.14
N LEU D 99 -14.66 -13.92 4.61
CA LEU D 99 -13.99 -12.96 3.75
C LEU D 99 -12.53 -13.38 3.64
N GLU D 100 -12.00 -13.38 2.43
CA GLU D 100 -10.61 -13.72 2.25
C GLU D 100 -9.96 -12.79 1.24
N ILE D 101 -8.95 -12.04 1.68
CA ILE D 101 -8.26 -11.15 0.78
C ILE D 101 -7.43 -12.06 -0.12
N ASN D 102 -7.54 -11.87 -1.42
CA ASN D 102 -6.78 -12.68 -2.37
C ASN D 102 -6.46 -11.84 -3.59
N LEU D 103 -5.20 -11.41 -3.67
CA LEU D 103 -4.74 -10.56 -4.75
C LEU D 103 -4.07 -11.33 -5.88
N PHE D 104 -4.07 -10.72 -7.07
CA PHE D 104 -3.45 -11.30 -8.25
C PHE D 104 -2.02 -10.75 -8.28
N TYR D 105 -1.89 -9.45 -8.04
CA TYR D 105 -0.61 -8.77 -7.99
C TYR D 105 -0.36 -8.52 -6.50
N ARG D 106 -0.23 -9.62 -5.76
CA ARG D 106 -0.06 -9.58 -4.32
C ARG D 106 1.30 -9.16 -3.75
N THR D 107 1.24 -8.23 -2.80
CA THR D 107 2.40 -7.75 -2.05
C THR D 107 1.83 -7.66 -0.64
N GLU D 108 2.60 -8.09 0.35
CA GLU D 108 2.12 -8.07 1.72
C GLU D 108 1.64 -6.69 2.18
N GLU D 109 2.24 -5.63 1.63
CA GLU D 109 1.81 -4.29 2.02
C GLU D 109 0.38 -4.06 1.56
N ARG D 110 0.04 -4.52 0.36
CA ARG D 110 -1.31 -4.37 -0.16
C ARG D 110 -2.31 -5.15 0.68
N VAL D 111 -1.95 -6.38 1.05
CA VAL D 111 -2.82 -7.22 1.87
C VAL D 111 -3.12 -6.55 3.20
N ARG D 112 -2.09 -6.00 3.83
CA ARG D 112 -2.23 -5.34 5.13
C ARG D 112 -3.09 -4.10 4.99
N THR D 113 -2.89 -3.37 3.91
CA THR D 113 -3.64 -2.15 3.68
C THR D 113 -5.12 -2.43 3.45
N ILE D 114 -5.42 -3.47 2.68
CA ILE D 114 -6.81 -3.82 2.41
C ILE D 114 -7.47 -4.27 3.71
N ALA D 115 -6.77 -5.12 4.47
CA ALA D 115 -7.28 -5.60 5.75
C ALA D 115 -7.61 -4.42 6.66
N GLU D 116 -6.75 -3.41 6.64
CA GLU D 116 -6.94 -2.22 7.46
C GLU D 116 -8.20 -1.46 7.05
N GLU D 117 -8.43 -1.36 5.74
CA GLU D 117 -9.60 -0.68 5.22
C GLU D 117 -10.83 -1.41 5.75
N LEU D 118 -10.83 -2.73 5.63
CA LEU D 118 -11.93 -3.55 6.10
C LEU D 118 -12.20 -3.31 7.59
N ARG D 119 -11.14 -3.27 8.39
CA ARG D 119 -11.29 -3.05 9.83
C ARG D 119 -11.84 -1.67 10.15
N LYS D 120 -11.82 -0.78 9.16
CA LYS D 120 -12.37 0.56 9.38
C LYS D 120 -13.88 0.43 9.58
N TYR D 121 -14.49 -0.52 8.88
CA TYR D 121 -15.93 -0.73 8.99
C TYR D 121 -16.31 -1.76 10.03
N ASP D 122 -15.45 -2.75 10.22
CA ASP D 122 -15.71 -3.79 11.21
C ASP D 122 -14.36 -4.24 11.78
N PRO D 123 -13.90 -3.56 12.84
CA PRO D 123 -12.64 -3.84 13.53
C PRO D 123 -12.41 -5.29 13.91
N GLU D 124 -13.46 -5.96 14.39
CA GLU D 124 -13.36 -7.34 14.81
C GLU D 124 -13.58 -8.35 13.69
N ILE D 125 -13.81 -7.87 12.46
CA ILE D 125 -14.05 -8.76 11.34
C ILE D 125 -12.91 -9.76 11.17
N GLU D 126 -13.26 -11.01 10.90
CA GLU D 126 -12.26 -12.07 10.70
C GLU D 126 -11.85 -12.04 9.23
N ILE D 127 -10.59 -11.71 8.98
CA ILE D 127 -10.09 -11.63 7.61
C ILE D 127 -9.13 -12.77 7.29
N LEU D 128 -9.49 -13.56 6.28
CA LEU D 128 -8.66 -14.66 5.84
C LEU D 128 -7.75 -14.20 4.70
N GLY D 129 -6.75 -15.01 4.38
CA GLY D 129 -5.83 -14.66 3.30
C GLY D 129 -4.64 -13.82 3.72
N ILE D 130 -4.45 -13.62 5.02
CA ILE D 130 -3.33 -12.83 5.49
C ILE D 130 -2.04 -13.63 5.41
N ASN D 131 -2.15 -14.95 5.53
CA ASN D 131 -1.00 -15.85 5.46
C ASN D 131 -1.35 -17.15 4.76
N PRO D 132 -1.75 -17.07 3.48
CA PRO D 132 -2.11 -18.27 2.74
C PRO D 132 -0.97 -19.27 2.70
N THR D 133 -1.28 -20.54 2.93
CA THR D 133 -0.26 -21.58 2.92
C THR D 133 -0.56 -22.57 1.81
N LYS D 134 -1.81 -22.57 1.36
CA LYS D 134 -2.21 -23.47 0.29
C LYS D 134 -2.04 -22.78 -1.06
N ARG D 135 -1.98 -23.56 -2.13
CA ARG D 135 -1.80 -23.01 -3.46
C ARG D 135 -2.73 -23.67 -4.46
N ILE D 136 -3.39 -22.86 -5.29
CA ILE D 136 -4.30 -23.37 -6.29
C ILE D 136 -3.47 -23.96 -7.43
N PRO D 137 -3.63 -25.27 -7.70
CA PRO D 137 -2.87 -25.90 -8.79
C PRO D 137 -3.07 -25.19 -10.13
N GLY D 138 -1.98 -25.07 -10.90
CA GLY D 138 -2.07 -24.43 -12.19
C GLY D 138 -1.50 -23.02 -12.21
N LEU D 139 -1.66 -22.30 -11.10
CA LEU D 139 -1.17 -20.93 -10.98
C LEU D 139 0.12 -20.85 -10.17
N GLU D 140 1.10 -20.11 -10.70
CA GLU D 140 2.38 -19.95 -10.03
C GLU D 140 2.30 -18.80 -9.02
N HIS D 141 3.38 -18.59 -8.29
CA HIS D 141 3.46 -17.53 -7.28
C HIS D 141 2.41 -17.69 -6.19
N ARG D 143 0.78 -15.37 -6.53
CA ARG D 143 -0.49 -15.12 -7.20
C ARG D 143 -1.31 -16.40 -7.34
N GLY D 144 -0.93 -17.43 -6.59
CA GLY D 144 -1.65 -18.70 -6.65
C GLY D 144 -1.86 -19.30 -5.28
N LYS D 145 -1.71 -18.48 -4.24
CA LYS D 145 -1.88 -18.94 -2.86
C LYS D 145 -3.26 -18.58 -2.29
N VAL D 146 -3.83 -19.52 -1.56
CA VAL D 146 -5.13 -19.34 -0.93
C VAL D 146 -5.09 -19.81 0.52
N ASP D 147 -5.89 -19.18 1.37
CA ASP D 147 -5.94 -19.53 2.78
C ASP D 147 -6.51 -20.93 2.95
N GLU D 148 -5.90 -21.74 3.83
CA GLU D 148 -6.35 -23.11 4.06
C GLU D 148 -7.77 -23.20 4.62
N ASN D 149 -8.19 -22.18 5.36
CA ASN D 149 -9.52 -22.19 5.95
C ASN D 149 -10.55 -21.46 5.12
N GLY D 150 -10.10 -20.80 4.06
CA GLY D 150 -11.01 -20.05 3.21
C GLY D 150 -11.30 -20.73 1.88
N ILE D 151 -10.77 -20.14 0.81
CA ILE D 151 -10.99 -20.65 -0.53
C ILE D 151 -10.54 -22.10 -0.64
N TRP D 152 -9.53 -22.46 0.15
CA TRP D 152 -9.01 -23.82 0.12
C TRP D 152 -10.09 -24.87 0.27
N LYS D 153 -10.87 -24.79 1.34
CA LYS D 153 -11.93 -25.78 1.57
C LYS D 153 -13.33 -25.30 1.23
N ALA D 154 -13.42 -24.24 0.45
CA ALA D 154 -14.71 -23.68 0.06
C ALA D 154 -15.39 -24.50 -1.03
N ASP D 155 -16.71 -24.62 -0.95
CA ASP D 155 -17.44 -25.35 -1.98
C ASP D 155 -18.00 -24.35 -2.98
N VAL D 156 -18.30 -23.14 -2.51
CA VAL D 156 -18.83 -22.08 -3.34
C VAL D 156 -18.04 -20.80 -3.04
N VAL D 157 -17.45 -20.22 -4.08
CA VAL D 157 -16.64 -19.02 -3.90
C VAL D 157 -17.03 -17.89 -4.85
N LEU D 158 -16.96 -16.66 -4.34
CA LEU D 158 -17.27 -15.49 -5.13
C LEU D 158 -16.00 -14.69 -5.37
N VAL D 159 -15.55 -14.66 -6.62
CA VAL D 159 -14.35 -13.92 -6.98
C VAL D 159 -14.69 -12.85 -8.02
N PRO D 160 -14.96 -11.62 -7.54
CA PRO D 160 -15.31 -10.48 -8.40
C PRO D 160 -14.11 -9.80 -9.05
N LEU D 161 -14.34 -9.19 -10.21
CA LEU D 161 -13.30 -8.47 -10.94
C LEU D 161 -11.99 -9.28 -10.91
N GLU D 162 -12.11 -10.54 -11.33
CA GLU D 162 -11.00 -11.47 -11.33
C GLU D 162 -10.37 -11.74 -12.69
N ASP D 163 -9.09 -12.12 -12.66
CA ASP D 163 -8.36 -12.45 -13.87
C ASP D 163 -8.88 -13.82 -14.29
N GLY D 164 -9.25 -13.93 -15.56
CA GLY D 164 -9.78 -15.19 -16.07
C GLY D 164 -8.99 -16.46 -15.80
N ASP D 165 -7.67 -16.35 -15.80
CA ASP D 165 -6.83 -17.52 -15.56
C ASP D 165 -7.08 -18.11 -14.17
N ARG D 166 -7.23 -17.24 -13.18
CA ARG D 166 -7.48 -17.71 -11.82
C ARG D 166 -8.88 -18.27 -11.67
N THR D 167 -9.85 -17.63 -12.32
CA THR D 167 -11.23 -18.10 -12.24
C THR D 167 -11.30 -19.52 -12.79
N GLU D 168 -10.60 -19.73 -13.91
CA GLU D 168 -10.56 -21.02 -14.57
C GLU D 168 -9.91 -22.11 -13.71
N ALA D 169 -8.76 -21.77 -13.13
CA ALA D 169 -8.06 -22.72 -12.27
C ALA D 169 -9.03 -23.19 -11.20
N LEU D 170 -9.62 -22.23 -10.49
CA LEU D 170 -10.57 -22.53 -9.42
C LEU D 170 -11.69 -23.48 -9.82
N VAL D 171 -12.22 -23.38 -11.04
CA VAL D 171 -13.30 -24.27 -11.44
C VAL D 171 -12.75 -25.69 -11.65
N ARG D 172 -11.53 -25.78 -12.19
CA ARG D 172 -10.91 -27.08 -12.42
C ARG D 172 -10.50 -27.67 -11.07
N MET D 173 -10.32 -26.78 -10.11
CA MET D 173 -9.94 -27.17 -8.75
C MET D 173 -11.19 -27.63 -7.99
N GLY D 174 -12.27 -27.85 -8.74
CA GLY D 174 -13.52 -28.32 -8.15
C GLY D 174 -14.42 -27.32 -7.45
N LYS D 175 -14.05 -26.04 -7.44
CA LYS D 175 -14.86 -25.02 -6.79
C LYS D 175 -15.95 -24.47 -7.69
N PHE D 176 -17.16 -24.31 -7.14
CA PHE D 176 -18.26 -23.72 -7.91
C PHE D 176 -17.98 -22.22 -7.82
N VAL D 177 -17.75 -21.58 -8.97
CA VAL D 177 -17.39 -20.16 -8.96
C VAL D 177 -18.43 -19.16 -9.42
N VAL D 178 -18.60 -18.11 -8.62
CA VAL D 178 -19.50 -17.02 -8.93
C VAL D 178 -18.62 -15.79 -9.07
N THR D 179 -18.97 -14.89 -9.98
CA THR D 179 -18.20 -13.68 -10.16
C THR D 179 -19.13 -12.57 -10.58
N VAL D 180 -18.63 -11.36 -10.45
CA VAL D 180 -19.35 -10.16 -10.83
C VAL D 180 -18.35 -9.55 -11.81
N ASP D 181 -18.72 -9.51 -13.08
CA ASP D 181 -17.82 -9.00 -14.10
C ASP D 181 -18.59 -8.29 -15.22
N LEU D 182 -18.39 -6.98 -15.34
CA LEU D 182 -19.04 -6.20 -16.37
C LEU D 182 -18.69 -6.61 -17.80
N ASN D 183 -17.61 -7.35 -17.98
CA ASN D 183 -17.24 -7.79 -19.33
C ASN D 183 -17.65 -9.25 -19.56
N PRO D 184 -18.77 -9.45 -20.27
CA PRO D 184 -19.31 -10.79 -20.59
C PRO D 184 -18.41 -11.62 -21.51
N LEU D 185 -17.50 -10.97 -22.22
CA LEU D 185 -16.59 -11.67 -23.12
C LEU D 185 -15.30 -12.12 -22.44
N SER D 186 -15.01 -11.57 -21.27
CA SER D 186 -13.80 -11.92 -20.54
C SER D 186 -13.73 -13.41 -20.24
N ARG D 187 -12.51 -13.92 -20.09
CA ARG D 187 -12.30 -15.34 -19.80
C ARG D 187 -12.94 -15.69 -18.46
N SER D 188 -12.85 -14.78 -17.50
CA SER D 188 -13.45 -15.00 -16.18
C SER D 188 -14.97 -15.15 -16.30
N ALA D 189 -15.60 -14.24 -17.02
CA ALA D 189 -17.05 -14.27 -17.22
C ALA D 189 -17.48 -15.56 -17.91
N ARG D 190 -16.68 -15.99 -18.88
CA ARG D 190 -16.94 -17.20 -19.66
C ARG D 190 -16.72 -18.50 -18.89
N MET D 191 -15.79 -18.48 -17.94
CA MET D 191 -15.45 -19.67 -17.16
C MET D 191 -16.23 -19.86 -15.86
N ALA D 192 -16.65 -18.77 -15.23
CA ALA D 192 -17.39 -18.86 -13.98
C ALA D 192 -18.66 -19.68 -14.14
N ASP D 193 -19.15 -20.24 -13.03
CA ASP D 193 -20.37 -21.04 -13.02
C ASP D 193 -21.61 -20.14 -13.05
N ILE D 194 -21.50 -18.99 -12.39
CA ILE D 194 -22.56 -18.01 -12.40
C ILE D 194 -21.86 -16.68 -12.62
N THR D 195 -22.23 -15.99 -13.68
CA THR D 195 -21.63 -14.72 -14.02
C THR D 195 -22.64 -13.60 -13.94
N ILE D 196 -22.39 -12.65 -13.05
CA ILE D 196 -23.26 -11.51 -12.84
C ILE D 196 -22.64 -10.34 -13.59
N VAL D 197 -23.24 -9.97 -14.73
CA VAL D 197 -22.75 -8.86 -15.52
C VAL D 197 -23.43 -7.58 -15.06
N ASP D 198 -22.85 -6.96 -14.05
CA ASP D 198 -23.42 -5.75 -13.46
C ASP D 198 -22.28 -5.08 -12.70
N ASN D 199 -22.38 -3.78 -12.44
CA ASN D 199 -21.33 -3.09 -11.71
C ASN D 199 -21.38 -3.56 -10.24
N ILE D 200 -20.21 -3.89 -9.68
CA ILE D 200 -20.17 -4.38 -8.30
C ILE D 200 -20.80 -3.44 -7.29
N VAL D 201 -20.78 -2.15 -7.58
CA VAL D 201 -21.38 -1.17 -6.68
C VAL D 201 -22.89 -1.32 -6.63
N ARG D 202 -23.47 -1.94 -7.64
CA ARG D 202 -24.92 -2.16 -7.67
C ARG D 202 -25.23 -3.61 -7.30
N ALA D 203 -24.37 -4.53 -7.75
CA ALA D 203 -24.57 -5.94 -7.51
C ALA D 203 -24.56 -6.36 -6.03
N TYR D 204 -23.65 -5.80 -5.25
CA TYR D 204 -23.56 -6.16 -3.84
C TYR D 204 -24.75 -5.73 -3.03
N PRO D 205 -25.14 -4.45 -3.09
CA PRO D 205 -26.32 -4.12 -2.29
C PRO D 205 -27.56 -4.92 -2.72
N ARG D 206 -27.69 -5.18 -4.01
CA ARG D 206 -28.84 -5.96 -4.52
C ARG D 206 -28.83 -7.39 -4.00
N MET D 207 -27.65 -7.99 -3.91
CA MET D 207 -27.54 -9.35 -3.41
C MET D 207 -27.84 -9.36 -1.91
N VAL D 208 -27.42 -8.32 -1.19
CA VAL D 208 -27.69 -8.22 0.23
C VAL D 208 -29.21 -8.28 0.41
N GLU D 209 -29.91 -7.51 -0.43
CA GLU D 209 -31.37 -7.45 -0.39
C GLU D 209 -32.00 -8.79 -0.75
N LEU D 210 -31.47 -9.42 -1.80
CA LEU D 210 -32.00 -10.70 -2.24
C LEU D 210 -31.86 -11.74 -1.12
N ALA D 211 -30.71 -11.74 -0.46
CA ALA D 211 -30.46 -12.69 0.62
C ALA D 211 -31.48 -12.50 1.72
N ARG D 212 -31.78 -11.25 2.04
CA ARG D 212 -32.75 -10.92 3.07
C ARG D 212 -34.14 -11.40 2.68
N GLU D 213 -34.50 -11.20 1.41
CA GLU D 213 -35.79 -11.60 0.88
C GLU D 213 -35.92 -13.10 0.70
N MET D 214 -34.80 -13.81 0.63
CA MET D 214 -34.81 -15.25 0.44
C MET D 214 -34.44 -16.03 1.71
N LYS D 215 -34.18 -15.31 2.78
CA LYS D 215 -33.79 -15.93 4.06
C LYS D 215 -34.67 -17.08 4.54
N ASP D 216 -35.97 -16.99 4.29
CA ASP D 216 -36.88 -18.04 4.74
C ASP D 216 -37.23 -19.04 3.65
N TYR D 217 -36.53 -18.97 2.53
CA TYR D 217 -36.77 -19.91 1.43
C TYR D 217 -36.37 -21.30 1.88
N SER D 218 -37.22 -22.27 1.55
CA SER D 218 -36.95 -23.67 1.89
C SER D 218 -35.85 -24.14 0.95
N ARG D 219 -35.24 -25.27 1.29
CA ARG D 219 -34.18 -25.83 0.46
C ARG D 219 -34.70 -26.08 -0.96
N GLU D 220 -35.94 -26.54 -1.08
CA GLU D 220 -36.51 -26.82 -2.39
C GLU D 220 -36.69 -25.58 -3.25
N GLU D 221 -37.04 -24.45 -2.63
CA GLU D 221 -37.21 -23.22 -3.40
C GLU D 221 -35.85 -22.73 -3.90
N LEU D 222 -34.81 -22.90 -3.08
CA LEU D 222 -33.47 -22.47 -3.45
C LEU D 222 -32.92 -23.38 -4.55
N LEU D 223 -33.27 -24.67 -4.49
CA LEU D 223 -32.83 -25.61 -5.49
C LEU D 223 -33.57 -25.40 -6.81
N LYS D 224 -34.78 -24.86 -6.72
CA LYS D 224 -35.55 -24.61 -7.94
C LYS D 224 -34.83 -23.54 -8.76
N ILE D 225 -34.34 -22.52 -8.06
CA ILE D 225 -33.63 -21.42 -8.70
C ILE D 225 -32.31 -21.85 -9.33
N VAL D 226 -31.42 -22.45 -8.54
CA VAL D 226 -30.11 -22.87 -9.08
C VAL D 226 -30.20 -23.95 -10.14
N GLY D 227 -31.20 -24.82 -10.04
CA GLY D 227 -31.34 -25.88 -11.02
C GLY D 227 -31.91 -25.33 -12.33
N GLU D 228 -32.68 -24.26 -12.23
CA GLU D 228 -33.29 -23.62 -13.38
C GLU D 228 -32.31 -22.66 -14.06
N TYR D 229 -31.17 -22.43 -13.43
CA TYR D 229 -30.17 -21.50 -13.94
C TYR D 229 -29.20 -22.00 -15.01
N ASP D 230 -29.12 -21.25 -16.10
CA ASP D 230 -28.25 -21.55 -17.24
C ASP D 230 -27.33 -20.37 -17.45
N ASN D 231 -26.07 -20.50 -17.04
CA ASN D 231 -25.13 -19.40 -17.19
C ASN D 231 -24.79 -19.14 -18.65
N GLY D 232 -24.88 -20.17 -19.48
CA GLY D 232 -24.58 -20.00 -20.90
C GLY D 232 -25.61 -19.12 -21.58
N LYS D 233 -26.89 -19.43 -21.38
CA LYS D 233 -27.97 -18.65 -21.99
C LYS D 233 -27.96 -17.22 -21.46
N THR D 234 -27.62 -17.07 -20.18
CA THR D 234 -27.57 -15.76 -19.55
C THR D 234 -26.51 -14.88 -20.23
N LEU D 235 -25.35 -15.46 -20.49
CA LEU D 235 -24.28 -14.71 -21.14
C LEU D 235 -24.73 -14.30 -22.54
N SER D 236 -25.39 -15.22 -23.24
CA SER D 236 -25.88 -14.90 -24.57
C SER D 236 -26.89 -13.76 -24.47
N ASP D 237 -27.79 -13.86 -23.51
CA ASP D 237 -28.80 -12.81 -23.34
C ASP D 237 -28.14 -11.47 -23.07
N VAL D 238 -27.05 -11.48 -22.32
CA VAL D 238 -26.35 -10.22 -22.04
C VAL D 238 -25.82 -9.63 -23.36
N LEU D 239 -25.29 -10.50 -24.21
CA LEU D 239 -24.74 -10.05 -25.49
C LEU D 239 -25.83 -9.52 -26.40
N LEU D 240 -27.00 -10.18 -26.38
CA LEU D 240 -28.11 -9.75 -27.21
C LEU D 240 -28.61 -8.41 -26.70
N HIS D 241 -28.57 -8.23 -25.37
CA HIS D 241 -29.02 -6.96 -24.79
C HIS D 241 -28.08 -5.84 -25.21
N ILE D 242 -26.78 -6.12 -25.25
CA ILE D 242 -25.85 -5.09 -25.65
C ILE D 242 -26.07 -4.75 -27.12
N ARG D 243 -26.26 -5.79 -27.93
CA ARG D 243 -26.49 -5.60 -29.34
C ARG D 243 -27.76 -4.78 -29.58
N ASP D 244 -28.86 -5.18 -28.95
CA ASP D 244 -30.13 -4.47 -29.11
C ASP D 244 -29.99 -3.00 -28.73
N ARG D 245 -29.23 -2.74 -27.69
CA ARG D 245 -29.03 -1.38 -27.24
C ARG D 245 -28.22 -0.58 -28.26
N LEU D 246 -27.26 -1.24 -28.91
CA LEU D 246 -26.47 -0.55 -29.92
C LEU D 246 -27.36 -0.29 -31.15
N THR D 247 -28.28 -1.22 -31.41
CA THR D 247 -29.18 -1.08 -32.53
C THR D 247 -30.07 0.15 -32.31
N ARG D 248 -30.51 0.35 -31.08
CA ARG D 248 -31.33 1.51 -30.77
C ARG D 248 -30.51 2.78 -30.96
N LEU D 249 -29.27 2.75 -30.49
CA LEU D 249 -28.38 3.91 -30.60
C LEU D 249 -28.09 4.29 -32.06
N ALA D 250 -27.99 3.28 -32.92
CA ALA D 250 -27.72 3.52 -34.33
C ALA D 250 -28.92 4.19 -34.98
N GLU D 251 -30.11 3.67 -34.67
CA GLU D 251 -31.35 4.22 -35.20
C GLU D 251 -31.50 5.68 -34.78
N GLU D 252 -30.98 6.02 -33.61
CA GLU D 252 -31.07 7.40 -33.12
C GLU D 252 -30.05 8.32 -33.76
N GLY D 253 -29.09 7.75 -34.48
CA GLY D 253 -28.07 8.56 -35.12
C GLY D 253 -26.85 8.75 -34.24
N ILE D 254 -25.72 8.22 -34.69
CA ILE D 254 -24.48 8.32 -33.93
C ILE D 254 -23.77 9.65 -34.14
N TRP D 255 -23.41 9.94 -35.39
CA TRP D 255 -22.70 11.18 -35.72
C TRP D 255 -23.51 12.42 -35.34
N ARG D 256 -22.93 13.26 -34.49
CA ARG D 256 -23.64 14.47 -34.05
C ARG D 256 -22.95 15.74 -34.54
N ARG D 257 -21.94 15.58 -35.40
CA ARG D 257 -21.19 16.71 -35.93
C ARG D 257 -22.05 17.77 -36.62
N LYS D 258 -23.13 17.34 -37.26
CA LYS D 258 -24.02 18.26 -37.97
C LYS D 258 -24.66 19.30 -37.04
N GLU D 259 -24.62 19.02 -35.73
CA GLU D 259 -25.19 19.92 -34.73
C GLU D 259 -24.30 21.13 -34.42
N LEU D 260 -23.05 21.09 -34.87
CA LEU D 260 -22.12 22.19 -34.62
C LEU D 260 -21.93 23.09 -35.85
#